data_2MXB
#
_entry.id   2MXB
#
_entity_poly.entity_id   1
_entity_poly.type   'polypeptide(L)'
_entity_poly.pdbx_seq_one_letter_code
;MSEPASLLTASDLDPLILTLSLILVLISLLLTVLALLSHRRTLQQKIWPHHHHHH
;
_entity_poly.pdbx_strand_id   A
#
# COMPACT_ATOMS: atom_id res chain seq x y z
N MET A 1 -30.14 -0.71 7.86
CA MET A 1 -29.19 0.23 7.21
C MET A 1 -29.97 1.29 6.45
N SER A 2 -29.27 2.01 5.57
CA SER A 2 -29.91 3.06 4.78
C SER A 2 -29.65 2.82 3.30
N GLU A 3 -28.77 1.88 3.00
CA GLU A 3 -28.45 1.57 1.60
C GLU A 3 -29.14 0.29 1.17
N PRO A 4 -29.23 0.06 -0.13
CA PRO A 4 -29.88 -1.17 -0.68
C PRO A 4 -29.04 -2.42 -0.44
N ALA A 5 -29.71 -3.51 -0.07
CA ALA A 5 -29.02 -4.77 0.20
C ALA A 5 -28.26 -5.23 -1.04
N SER A 6 -28.45 -4.51 -2.13
CA SER A 6 -27.77 -4.84 -3.38
C SER A 6 -26.30 -4.46 -3.33
N LEU A 7 -26.01 -3.36 -2.65
CA LEU A 7 -24.63 -2.89 -2.53
C LEU A 7 -23.77 -3.96 -1.87
N LEU A 8 -24.35 -4.71 -0.94
CA LEU A 8 -23.62 -5.74 -0.24
C LEU A 8 -23.63 -7.05 -1.04
N THR A 9 -24.79 -7.38 -1.57
CA THR A 9 -24.93 -8.61 -2.36
C THR A 9 -24.10 -8.53 -3.64
N ALA A 10 -23.61 -7.33 -3.93
CA ALA A 10 -22.79 -7.12 -5.13
C ALA A 10 -21.34 -6.89 -4.75
N SER A 11 -21.00 -7.14 -3.49
CA SER A 11 -19.64 -6.96 -3.02
C SER A 11 -18.70 -7.95 -3.69
N ASP A 12 -19.26 -8.81 -4.54
CA ASP A 12 -18.47 -9.82 -5.23
C ASP A 12 -18.25 -9.41 -6.70
N LEU A 13 -18.35 -8.11 -6.95
CA LEU A 13 -18.16 -7.60 -8.31
C LEU A 13 -16.84 -8.09 -8.89
N ASP A 14 -15.83 -8.21 -8.04
CA ASP A 14 -14.52 -8.67 -8.48
C ASP A 14 -13.60 -8.91 -7.27
N PRO A 15 -13.72 -10.04 -6.64
CA PRO A 15 -12.90 -10.39 -5.45
C PRO A 15 -11.50 -10.83 -5.84
N LEU A 16 -11.37 -11.42 -7.02
CA LEU A 16 -10.08 -11.89 -7.49
C LEU A 16 -9.10 -10.73 -7.65
N ILE A 17 -9.54 -9.70 -8.36
CA ILE A 17 -8.70 -8.53 -8.57
C ILE A 17 -8.49 -7.77 -7.27
N LEU A 18 -9.53 -7.73 -6.45
CA LEU A 18 -9.43 -7.03 -5.17
C LEU A 18 -8.37 -7.66 -4.29
N THR A 19 -8.34 -9.00 -4.27
CA THR A 19 -7.36 -9.72 -3.48
C THR A 19 -5.96 -9.35 -3.90
N LEU A 20 -5.70 -9.43 -5.21
CA LEU A 20 -4.39 -9.11 -5.74
C LEU A 20 -4.04 -7.64 -5.47
N SER A 21 -5.06 -6.78 -5.55
CA SER A 21 -4.85 -5.37 -5.31
C SER A 21 -4.52 -5.11 -3.84
N LEU A 22 -5.35 -5.64 -2.94
CA LEU A 22 -5.12 -5.47 -1.51
C LEU A 22 -3.70 -5.88 -1.14
N ILE A 23 -3.22 -6.95 -1.75
CA ILE A 23 -1.88 -7.42 -1.46
C ILE A 23 -0.85 -6.37 -1.85
N LEU A 24 -0.84 -6.00 -3.12
CA LEU A 24 0.10 -5.01 -3.61
C LEU A 24 -0.03 -3.71 -2.83
N VAL A 25 -1.26 -3.38 -2.47
CA VAL A 25 -1.51 -2.15 -1.72
C VAL A 25 -0.82 -2.21 -0.36
N LEU A 26 -1.10 -3.27 0.39
CA LEU A 26 -0.51 -3.44 1.71
C LEU A 26 1.00 -3.54 1.61
N ILE A 27 1.48 -4.28 0.61
CA ILE A 27 2.92 -4.44 0.42
C ILE A 27 3.57 -3.12 0.04
N SER A 28 3.02 -2.47 -0.97
CA SER A 28 3.56 -1.19 -1.43
C SER A 28 3.63 -0.20 -0.27
N LEU A 29 2.61 -0.22 0.58
CA LEU A 29 2.57 0.68 1.74
C LEU A 29 3.73 0.38 2.69
N LEU A 30 3.91 -0.90 3.01
CA LEU A 30 4.98 -1.31 3.91
C LEU A 30 6.34 -0.92 3.34
N LEU A 31 6.53 -1.17 2.05
CA LEU A 31 7.79 -0.83 1.39
C LEU A 31 8.10 0.65 1.58
N THR A 32 7.09 1.49 1.40
CA THR A 32 7.27 2.93 1.55
C THR A 32 7.71 3.27 2.96
N VAL A 33 7.01 2.73 3.95
CA VAL A 33 7.36 2.98 5.34
C VAL A 33 8.82 2.64 5.62
N LEU A 34 9.24 1.48 5.15
CA LEU A 34 10.61 1.04 5.35
C LEU A 34 11.59 2.02 4.70
N ALA A 35 11.34 2.35 3.43
CA ALA A 35 12.20 3.28 2.72
C ALA A 35 12.26 4.61 3.45
N LEU A 36 11.14 4.98 4.06
CA LEU A 36 11.08 6.25 4.79
C LEU A 36 11.96 6.20 6.03
N LEU A 37 11.83 5.15 6.81
CA LEU A 37 12.63 5.00 8.02
C LEU A 37 14.11 4.93 7.67
N SER A 38 14.43 4.13 6.65
CA SER A 38 15.82 3.98 6.23
C SER A 38 16.42 5.34 5.89
N HIS A 39 15.68 6.15 5.14
CA HIS A 39 16.15 7.47 4.75
C HIS A 39 16.33 8.37 5.98
N ARG A 40 15.35 8.32 6.88
CA ARG A 40 15.40 9.14 8.09
C ARG A 40 16.60 8.74 8.95
N ARG A 41 16.87 7.43 9.01
CA ARG A 41 18.00 6.94 9.79
C ARG A 41 19.32 7.44 9.22
N THR A 42 19.44 7.41 7.89
CA THR A 42 20.65 7.86 7.24
C THR A 42 20.89 9.35 7.51
N LEU A 43 19.83 10.14 7.37
CA LEU A 43 19.93 11.57 7.61
C LEU A 43 20.44 11.85 9.03
N GLN A 44 19.86 11.15 10.00
CA GLN A 44 20.26 11.32 11.39
C GLN A 44 21.75 11.09 11.56
N GLN A 45 22.24 10.00 10.97
CA GLN A 45 23.66 9.66 11.06
C GLN A 45 24.51 10.73 10.38
N LYS A 46 24.09 11.14 9.19
CA LYS A 46 24.82 12.16 8.45
C LYS A 46 24.80 13.49 9.18
N ILE A 47 23.73 13.72 9.94
CA ILE A 47 23.60 14.96 10.71
C ILE A 47 24.54 14.96 11.91
N TRP A 48 24.60 13.82 12.60
CA TRP A 48 25.46 13.69 13.76
C TRP A 48 26.13 12.32 13.79
N PRO A 49 27.11 12.13 12.95
CA PRO A 49 27.85 10.84 12.85
C PRO A 49 28.92 10.72 13.93
N MET A 1 -37.22 -13.88 3.72
CA MET A 1 -35.78 -14.25 3.68
C MET A 1 -34.94 -13.02 3.98
N SER A 2 -35.23 -11.93 3.28
CA SER A 2 -34.49 -10.69 3.47
C SER A 2 -32.99 -10.96 3.61
N GLU A 3 -32.51 -11.96 2.88
CA GLU A 3 -31.10 -12.33 2.92
C GLU A 3 -30.64 -12.86 1.58
N PRO A 4 -30.73 -12.06 0.54
CA PRO A 4 -30.31 -12.45 -0.83
C PRO A 4 -28.80 -12.51 -0.99
N ALA A 5 -28.29 -13.59 -1.56
CA ALA A 5 -26.86 -13.74 -1.77
C ALA A 5 -26.34 -12.70 -2.73
N SER A 6 -27.25 -11.91 -3.28
CA SER A 6 -26.87 -10.86 -4.23
C SER A 6 -25.97 -9.84 -3.56
N LEU A 7 -26.22 -9.57 -2.28
CA LEU A 7 -25.43 -8.60 -1.54
C LEU A 7 -23.94 -8.91 -1.70
N LEU A 8 -23.56 -10.14 -1.39
CA LEU A 8 -22.17 -10.55 -1.50
C LEU A 8 -21.74 -10.61 -2.96
N THR A 9 -22.61 -11.16 -3.80
CA THR A 9 -22.32 -11.29 -5.23
C THR A 9 -22.30 -9.91 -5.90
N ALA A 10 -22.68 -8.89 -5.14
CA ALA A 10 -22.71 -7.53 -5.66
C ALA A 10 -21.57 -6.70 -5.10
N SER A 11 -21.17 -7.02 -3.88
CA SER A 11 -20.08 -6.31 -3.22
C SER A 11 -18.75 -7.00 -3.48
N ASP A 12 -18.81 -8.15 -4.13
CA ASP A 12 -17.60 -8.92 -4.44
C ASP A 12 -17.59 -9.33 -5.91
N LEU A 13 -18.01 -8.42 -6.78
CA LEU A 13 -18.04 -8.71 -8.21
C LEU A 13 -16.65 -9.07 -8.72
N ASP A 14 -15.62 -8.56 -8.04
CA ASP A 14 -14.25 -8.84 -8.44
C ASP A 14 -13.41 -9.17 -7.20
N PRO A 15 -13.45 -10.40 -6.76
CA PRO A 15 -12.70 -10.86 -5.57
C PRO A 15 -11.24 -11.15 -5.89
N LEU A 16 -11.01 -11.73 -7.07
CA LEU A 16 -9.65 -12.05 -7.49
C LEU A 16 -8.81 -10.80 -7.61
N ILE A 17 -9.39 -9.75 -8.17
CA ILE A 17 -8.69 -8.49 -8.34
C ILE A 17 -8.51 -7.79 -7.00
N LEU A 18 -9.53 -7.88 -6.15
CA LEU A 18 -9.48 -7.25 -4.84
C LEU A 18 -8.34 -7.83 -4.01
N THR A 19 -8.17 -9.15 -4.08
CA THR A 19 -7.12 -9.82 -3.34
C THR A 19 -5.75 -9.38 -3.86
N LEU A 20 -5.54 -9.48 -5.17
CA LEU A 20 -4.28 -9.09 -5.77
C LEU A 20 -3.99 -7.62 -5.49
N SER A 21 -5.02 -6.78 -5.54
CA SER A 21 -4.86 -5.37 -5.29
C SER A 21 -4.51 -5.11 -3.82
N LEU A 22 -5.28 -5.71 -2.93
CA LEU A 22 -5.03 -5.54 -1.50
C LEU A 22 -3.59 -5.92 -1.14
N ILE A 23 -3.12 -7.01 -1.72
CA ILE A 23 -1.76 -7.47 -1.46
C ILE A 23 -0.75 -6.41 -1.87
N LEU A 24 -0.92 -5.89 -3.08
CA LEU A 24 0.00 -4.88 -3.59
C LEU A 24 -0.13 -3.59 -2.80
N VAL A 25 -1.34 -3.32 -2.33
CA VAL A 25 -1.59 -2.11 -1.56
C VAL A 25 -0.87 -2.17 -0.22
N LEU A 26 -1.06 -3.28 0.50
CA LEU A 26 -0.43 -3.46 1.79
C LEU A 26 1.09 -3.48 1.65
N ILE A 27 1.57 -4.20 0.65
CA ILE A 27 3.01 -4.30 0.41
C ILE A 27 3.58 -2.94 0.02
N SER A 28 2.94 -2.29 -0.93
CA SER A 28 3.38 -0.98 -1.40
C SER A 28 3.52 -0.02 -0.21
N LEU A 29 2.53 -0.05 0.68
CA LEU A 29 2.55 0.83 1.84
C LEU A 29 3.76 0.53 2.71
N LEU A 30 3.94 -0.74 3.06
CA LEU A 30 5.06 -1.15 3.90
C LEU A 30 6.38 -0.78 3.22
N LEU A 31 6.48 -1.03 1.92
CA LEU A 31 7.69 -0.72 1.17
C LEU A 31 8.06 0.75 1.33
N THR A 32 7.06 1.61 1.24
CA THR A 32 7.29 3.05 1.36
C THR A 32 7.70 3.40 2.79
N VAL A 33 7.05 2.78 3.76
CA VAL A 33 7.36 3.02 5.16
C VAL A 33 8.82 2.68 5.46
N LEU A 34 9.26 1.52 4.97
CA LEU A 34 10.63 1.10 5.20
C LEU A 34 11.62 2.08 4.57
N ALA A 35 11.40 2.39 3.29
CA ALA A 35 12.27 3.32 2.59
C ALA A 35 12.24 4.68 3.26
N LEU A 36 11.09 5.03 3.84
CA LEU A 36 10.94 6.32 4.52
C LEU A 36 11.78 6.34 5.80
N LEU A 37 11.63 5.31 6.62
CA LEU A 37 12.38 5.22 7.86
C LEU A 37 13.88 5.09 7.59
N SER A 38 14.21 4.39 6.51
CA SER A 38 15.61 4.18 6.15
C SER A 38 16.26 5.52 5.79
N HIS A 39 15.57 6.31 4.97
CA HIS A 39 16.10 7.61 4.56
C HIS A 39 16.29 8.51 5.78
N ARG A 40 15.37 8.41 6.73
CA ARG A 40 15.44 9.23 7.94
C ARG A 40 16.62 8.78 8.81
N ARG A 41 16.73 7.48 9.03
CA ARG A 41 17.80 6.93 9.85
C ARG A 41 19.15 7.35 9.29
N THR A 42 19.29 7.33 7.97
CA THR A 42 20.54 7.71 7.33
C THR A 42 20.84 9.19 7.56
N LEU A 43 19.83 10.02 7.35
CA LEU A 43 19.99 11.46 7.53
C LEU A 43 20.40 11.78 8.96
N GLN A 44 19.79 11.08 9.91
CA GLN A 44 20.10 11.30 11.33
C GLN A 44 21.57 11.02 11.60
N GLN A 45 22.08 9.91 11.07
CA GLN A 45 23.47 9.54 11.28
C GLN A 45 24.39 10.54 10.59
N LYS A 46 24.03 10.95 9.38
CA LYS A 46 24.83 11.91 8.63
C LYS A 46 25.06 13.18 9.44
N ILE A 47 23.98 13.69 10.03
CA ILE A 47 24.07 14.91 10.83
C ILE A 47 24.88 14.66 12.11
N TRP A 48 24.67 13.48 12.70
CA TRP A 48 25.38 13.13 13.92
C TRP A 48 25.93 11.71 13.82
N PRO A 49 26.99 11.54 13.07
CA PRO A 49 27.64 10.21 12.87
C PRO A 49 27.95 9.53 14.19
N MET A 1 -36.95 -9.20 -1.06
CA MET A 1 -37.75 -8.02 -0.65
C MET A 1 -36.86 -6.78 -0.61
N SER A 2 -35.86 -6.80 0.26
CA SER A 2 -34.94 -5.68 0.38
C SER A 2 -33.51 -6.18 0.60
N GLU A 3 -33.34 -7.49 0.65
CA GLU A 3 -32.03 -8.08 0.85
C GLU A 3 -31.85 -9.32 -0.02
N PRO A 4 -31.93 -9.15 -1.32
CA PRO A 4 -31.78 -10.27 -2.29
C PRO A 4 -30.34 -10.73 -2.42
N ALA A 5 -30.15 -12.02 -2.69
CA ALA A 5 -28.81 -12.58 -2.84
C ALA A 5 -28.10 -11.98 -4.05
N SER A 6 -28.85 -11.26 -4.87
CA SER A 6 -28.30 -10.64 -6.05
C SER A 6 -27.27 -9.57 -5.67
N LEU A 7 -27.42 -9.02 -4.47
CA LEU A 7 -26.51 -8.00 -3.99
C LEU A 7 -25.07 -8.49 -4.04
N LEU A 8 -24.84 -9.66 -3.45
CA LEU A 8 -23.49 -10.23 -3.42
C LEU A 8 -23.13 -10.79 -4.79
N THR A 9 -24.12 -11.36 -5.47
CA THR A 9 -23.89 -11.95 -6.78
C THR A 9 -23.30 -10.91 -7.74
N ALA A 10 -23.67 -9.66 -7.53
CA ALA A 10 -23.17 -8.58 -8.37
C ALA A 10 -21.86 -8.01 -7.82
N SER A 11 -21.83 -7.81 -6.53
CA SER A 11 -20.64 -7.26 -5.88
C SER A 11 -19.51 -8.27 -5.91
N ASP A 12 -19.81 -9.48 -6.36
CA ASP A 12 -18.81 -10.54 -6.44
C ASP A 12 -18.51 -10.89 -7.90
N LEU A 13 -18.70 -9.91 -8.79
CA LEU A 13 -18.44 -10.13 -10.21
C LEU A 13 -17.02 -10.64 -10.43
N ASP A 14 -16.09 -10.17 -9.61
CA ASP A 14 -14.70 -10.59 -9.73
C ASP A 14 -13.88 -10.04 -8.56
N PRO A 15 -13.93 -10.69 -7.43
CA PRO A 15 -13.16 -10.27 -6.22
C PRO A 15 -11.71 -10.69 -6.27
N LEU A 16 -11.34 -11.41 -7.32
CA LEU A 16 -9.97 -11.87 -7.47
C LEU A 16 -9.03 -10.70 -7.68
N ILE A 17 -9.51 -9.67 -8.35
CA ILE A 17 -8.70 -8.48 -8.61
C ILE A 17 -8.42 -7.75 -7.31
N LEU A 18 -9.43 -7.61 -6.47
CA LEU A 18 -9.26 -6.92 -5.19
C LEU A 18 -8.30 -7.68 -4.29
N THR A 19 -8.31 -9.00 -4.38
CA THR A 19 -7.42 -9.83 -3.58
C THR A 19 -5.98 -9.53 -3.92
N LEU A 20 -5.65 -9.54 -5.20
CA LEU A 20 -4.29 -9.26 -5.65
C LEU A 20 -3.92 -7.81 -5.35
N SER A 21 -4.86 -6.90 -5.60
CA SER A 21 -4.61 -5.49 -5.36
C SER A 21 -4.27 -5.26 -3.89
N LEU A 22 -5.07 -5.84 -2.99
CA LEU A 22 -4.83 -5.68 -1.56
C LEU A 22 -3.43 -6.12 -1.18
N ILE A 23 -3.01 -7.28 -1.68
CA ILE A 23 -1.69 -7.79 -1.39
C ILE A 23 -0.63 -6.77 -1.79
N LEU A 24 -0.74 -6.25 -3.01
CA LEU A 24 0.22 -5.28 -3.51
C LEU A 24 0.13 -3.99 -2.73
N VAL A 25 -1.07 -3.66 -2.28
CA VAL A 25 -1.29 -2.45 -1.50
C VAL A 25 -0.58 -2.54 -0.17
N LEU A 26 -0.82 -3.62 0.55
CA LEU A 26 -0.18 -3.82 1.86
C LEU A 26 1.34 -3.75 1.73
N ILE A 27 1.88 -4.51 0.78
CA ILE A 27 3.31 -4.52 0.55
C ILE A 27 3.80 -3.13 0.16
N SER A 28 3.18 -2.56 -0.87
CA SER A 28 3.56 -1.23 -1.34
C SER A 28 3.59 -0.24 -0.17
N LEU A 29 2.57 -0.29 0.67
CA LEU A 29 2.50 0.60 1.83
C LEU A 29 3.67 0.37 2.76
N LEU A 30 3.95 -0.89 3.06
CA LEU A 30 5.06 -1.22 3.95
C LEU A 30 6.37 -0.68 3.38
N LEU A 31 6.54 -0.83 2.08
CA LEU A 31 7.76 -0.35 1.43
C LEU A 31 7.90 1.16 1.61
N THR A 32 6.81 1.88 1.41
CA THR A 32 6.84 3.33 1.57
C THR A 32 7.28 3.71 2.97
N VAL A 33 6.71 3.05 3.97
CA VAL A 33 7.05 3.33 5.36
C VAL A 33 8.52 3.02 5.62
N LEU A 34 8.97 1.84 5.18
CA LEU A 34 10.35 1.45 5.38
C LEU A 34 11.31 2.44 4.73
N ALA A 35 11.09 2.70 3.45
CA ALA A 35 11.93 3.64 2.72
C ALA A 35 11.92 5.00 3.41
N LEU A 36 10.79 5.32 4.03
CA LEU A 36 10.65 6.61 4.71
C LEU A 36 11.52 6.65 5.96
N LEU A 37 11.41 5.62 6.78
CA LEU A 37 12.20 5.55 8.02
C LEU A 37 13.68 5.43 7.70
N SER A 38 14.01 4.69 6.65
CA SER A 38 15.40 4.52 6.25
C SER A 38 16.03 5.86 5.87
N HIS A 39 15.29 6.66 5.10
CA HIS A 39 15.78 7.96 4.68
C HIS A 39 16.09 8.83 5.88
N ARG A 40 15.20 8.81 6.87
CA ARG A 40 15.38 9.61 8.08
C ARG A 40 16.56 9.07 8.89
N ARG A 41 16.73 7.76 8.89
CA ARG A 41 17.82 7.13 9.64
C ARG A 41 19.16 7.53 9.04
N THR A 42 19.27 7.46 7.72
CA THR A 42 20.51 7.81 7.03
C THR A 42 20.87 9.27 7.30
N LEU A 43 19.88 10.15 7.16
CA LEU A 43 20.10 11.57 7.38
C LEU A 43 20.62 11.82 8.79
N GLN A 44 19.99 11.17 9.76
CA GLN A 44 20.41 11.33 11.16
C GLN A 44 21.84 10.84 11.35
N GLN A 45 22.18 9.74 10.69
CA GLN A 45 23.52 9.18 10.80
C GLN A 45 24.56 10.16 10.24
N LYS A 46 24.21 10.81 9.13
CA LYS A 46 25.11 11.77 8.51
C LYS A 46 25.38 12.95 9.44
N ILE A 47 24.32 13.41 10.09
CA ILE A 47 24.44 14.54 11.01
C ILE A 47 25.11 14.11 12.31
N TRP A 48 24.86 12.88 12.72
CA TRP A 48 25.44 12.35 13.95
C TRP A 48 25.95 10.92 13.73
N PRO A 49 26.98 10.78 12.95
CA PRO A 49 27.58 9.45 12.65
C PRO A 49 28.47 8.94 13.79
N MET A 1 -12.27 10.98 -11.74
CA MET A 1 -10.87 11.36 -12.05
C MET A 1 -10.14 10.17 -12.67
N SER A 2 -9.82 9.18 -11.85
CA SER A 2 -9.13 7.99 -12.32
C SER A 2 -9.46 6.78 -11.45
N GLU A 3 -10.46 6.95 -10.58
CA GLU A 3 -10.88 5.87 -9.70
C GLU A 3 -12.38 5.94 -9.42
N PRO A 4 -13.18 5.79 -10.44
CA PRO A 4 -14.67 5.85 -10.31
C PRO A 4 -15.22 4.58 -9.67
N ALA A 5 -16.34 4.72 -8.96
CA ALA A 5 -16.97 3.58 -8.30
C ALA A 5 -17.19 2.44 -9.30
N SER A 6 -16.94 2.72 -10.57
CA SER A 6 -17.10 1.71 -11.60
C SER A 6 -16.22 0.50 -11.32
N LEU A 7 -15.05 0.74 -10.75
CA LEU A 7 -14.13 -0.34 -10.42
C LEU A 7 -14.69 -1.20 -9.30
N LEU A 8 -15.18 -0.56 -8.25
CA LEU A 8 -15.73 -1.27 -7.12
C LEU A 8 -16.82 -2.23 -7.57
N THR A 9 -17.57 -1.83 -8.58
CA THR A 9 -18.64 -2.66 -9.10
C THR A 9 -18.08 -3.78 -9.98
N ALA A 10 -17.11 -3.44 -10.80
CA ALA A 10 -16.49 -4.41 -11.69
C ALA A 10 -15.72 -5.45 -10.88
N SER A 11 -15.53 -5.17 -9.61
CA SER A 11 -14.80 -6.08 -8.73
C SER A 11 -15.68 -7.26 -8.34
N ASP A 12 -16.93 -7.22 -8.75
CA ASP A 12 -17.87 -8.30 -8.44
C ASP A 12 -17.86 -9.34 -9.54
N LEU A 13 -17.18 -9.03 -10.64
CA LEU A 13 -17.11 -9.96 -11.77
C LEU A 13 -15.86 -10.82 -11.66
N ASP A 14 -14.89 -10.35 -10.90
CA ASP A 14 -13.65 -11.09 -10.72
C ASP A 14 -12.91 -10.61 -9.47
N PRO A 15 -13.30 -11.11 -8.32
CA PRO A 15 -12.67 -10.74 -7.03
C PRO A 15 -11.18 -11.04 -7.00
N LEU A 16 -10.71 -11.75 -8.02
CA LEU A 16 -9.29 -12.10 -8.10
C LEU A 16 -8.43 -10.85 -8.17
N ILE A 17 -8.98 -9.78 -8.77
CA ILE A 17 -8.25 -8.54 -8.88
C ILE A 17 -8.18 -7.83 -7.54
N LEU A 18 -9.26 -7.90 -6.78
CA LEU A 18 -9.30 -7.27 -5.46
C LEU A 18 -8.26 -7.88 -4.54
N THR A 19 -8.06 -9.19 -4.67
CA THR A 19 -7.08 -9.88 -3.83
C THR A 19 -5.67 -9.43 -4.19
N LEU A 20 -5.36 -9.44 -5.49
CA LEU A 20 -4.04 -9.03 -5.94
C LEU A 20 -3.78 -7.57 -5.62
N SER A 21 -4.82 -6.75 -5.72
CA SER A 21 -4.70 -5.33 -5.43
C SER A 21 -4.42 -5.11 -3.95
N LEU A 22 -5.25 -5.71 -3.10
CA LEU A 22 -5.07 -5.57 -1.66
C LEU A 22 -3.67 -5.99 -1.25
N ILE A 23 -3.12 -6.99 -1.93
CA ILE A 23 -1.79 -7.48 -1.61
C ILE A 23 -0.74 -6.41 -1.92
N LEU A 24 -0.65 -6.03 -3.19
CA LEU A 24 0.33 -5.03 -3.60
C LEU A 24 0.12 -3.74 -2.82
N VAL A 25 -1.11 -3.51 -2.39
CA VAL A 25 -1.43 -2.31 -1.62
C VAL A 25 -0.85 -2.41 -0.22
N LEU A 26 -1.15 -3.49 0.48
CA LEU A 26 -0.65 -3.68 1.83
C LEU A 26 0.88 -3.71 1.83
N ILE A 27 1.45 -4.41 0.86
CA ILE A 27 2.90 -4.50 0.76
C ILE A 27 3.51 -3.15 0.44
N SER A 28 2.96 -2.50 -0.59
CA SER A 28 3.45 -1.19 -0.99
C SER A 28 3.44 -0.22 0.19
N LEU A 29 2.37 -0.26 0.96
CA LEU A 29 2.22 0.62 2.12
C LEU A 29 3.38 0.40 3.10
N LEU A 30 3.63 -0.85 3.44
CA LEU A 30 4.70 -1.18 4.36
C LEU A 30 6.05 -0.82 3.76
N LEU A 31 6.20 -1.03 2.45
CA LEU A 31 7.44 -0.72 1.76
C LEU A 31 7.77 0.76 1.90
N THR A 32 6.75 1.60 1.68
CA THR A 32 6.94 3.05 1.77
C THR A 32 7.31 3.44 3.20
N VAL A 33 6.65 2.83 4.17
CA VAL A 33 6.90 3.13 5.57
C VAL A 33 8.38 2.86 5.90
N LEU A 34 8.89 1.73 5.44
CA LEU A 34 10.28 1.38 5.69
C LEU A 34 11.22 2.42 5.08
N ALA A 35 11.00 2.74 3.82
CA ALA A 35 11.83 3.73 3.14
C ALA A 35 11.81 5.05 3.90
N LEU A 36 10.68 5.33 4.53
CA LEU A 36 10.53 6.57 5.30
C LEU A 36 11.44 6.56 6.52
N LEU A 37 11.35 5.50 7.32
CA LEU A 37 12.16 5.39 8.51
C LEU A 37 13.64 5.27 8.15
N SER A 38 13.91 4.62 7.02
CA SER A 38 15.28 4.44 6.57
C SER A 38 15.91 5.79 6.22
N HIS A 39 15.18 6.59 5.46
CA HIS A 39 15.67 7.91 5.06
C HIS A 39 15.99 8.76 6.28
N ARG A 40 15.12 8.70 7.28
CA ARG A 40 15.32 9.46 8.51
C ARG A 40 16.62 9.03 9.20
N ARG A 41 16.85 7.71 9.26
CA ARG A 41 18.06 7.19 9.89
C ARG A 41 19.29 7.61 9.11
N THR A 42 19.19 7.57 7.78
CA THR A 42 20.31 7.94 6.94
C THR A 42 20.70 9.40 7.17
N LEU A 43 19.70 10.28 7.24
CA LEU A 43 19.96 11.69 7.46
C LEU A 43 20.64 11.90 8.81
N GLN A 44 20.17 11.19 9.82
CA GLN A 44 20.75 11.31 11.16
C GLN A 44 22.20 10.88 11.16
N GLN A 45 22.49 9.78 10.47
CA GLN A 45 23.85 9.26 10.40
C GLN A 45 24.75 10.24 9.64
N LYS A 46 24.22 10.82 8.57
CA LYS A 46 25.00 11.76 7.77
C LYS A 46 25.32 13.01 8.58
N ILE A 47 24.40 13.38 9.46
CA ILE A 47 24.59 14.57 10.29
C ILE A 47 25.42 14.23 11.52
N TRP A 48 25.45 12.95 11.88
CA TRP A 48 26.20 12.50 13.05
C TRP A 48 26.79 11.11 12.82
N PRO A 49 27.73 10.99 11.91
CA PRO A 49 28.37 9.69 11.59
C PRO A 49 29.44 9.31 12.63
N MET A 1 -23.93 10.09 3.16
CA MET A 1 -23.23 8.78 3.03
C MET A 1 -24.09 7.69 3.66
N SER A 2 -25.03 7.17 2.89
CA SER A 2 -25.92 6.12 3.39
C SER A 2 -25.30 4.75 3.19
N GLU A 3 -24.11 4.72 2.59
CA GLU A 3 -23.39 3.47 2.33
C GLU A 3 -24.34 2.27 2.38
N PRO A 4 -25.18 2.15 1.39
CA PRO A 4 -26.18 1.05 1.30
C PRO A 4 -25.53 -0.33 1.42
N ALA A 5 -26.31 -1.30 1.87
CA ALA A 5 -25.79 -2.66 2.02
C ALA A 5 -25.42 -3.26 0.67
N SER A 6 -25.71 -2.51 -0.40
CA SER A 6 -25.41 -2.97 -1.75
C SER A 6 -23.91 -3.13 -1.94
N LEU A 7 -23.15 -2.25 -1.29
CA LEU A 7 -21.70 -2.30 -1.40
C LEU A 7 -21.16 -3.62 -0.87
N LEU A 8 -21.60 -3.99 0.33
CA LEU A 8 -21.16 -5.24 0.94
C LEU A 8 -21.60 -6.43 0.09
N THR A 9 -22.79 -6.35 -0.45
CA THR A 9 -23.33 -7.43 -1.28
C THR A 9 -22.74 -7.36 -2.69
N ALA A 10 -22.12 -6.23 -3.01
CA ALA A 10 -21.52 -6.05 -4.32
C ALA A 10 -20.00 -6.12 -4.23
N SER A 11 -19.50 -6.33 -3.03
CA SER A 11 -18.06 -6.43 -2.80
C SER A 11 -17.53 -7.74 -3.37
N ASP A 12 -18.42 -8.56 -3.90
CA ASP A 12 -18.02 -9.85 -4.46
C ASP A 12 -17.86 -9.75 -5.97
N LEU A 13 -17.87 -8.53 -6.48
CA LEU A 13 -17.71 -8.31 -7.91
C LEU A 13 -16.56 -9.14 -8.47
N ASP A 14 -15.49 -9.25 -7.69
CA ASP A 14 -14.33 -10.03 -8.12
C ASP A 14 -13.30 -10.10 -6.99
N PRO A 15 -13.49 -11.02 -6.07
CA PRO A 15 -12.56 -11.21 -4.92
C PRO A 15 -11.12 -11.46 -5.38
N LEU A 16 -10.97 -12.09 -6.53
CA LEU A 16 -9.65 -12.39 -7.06
C LEU A 16 -8.86 -11.12 -7.30
N ILE A 17 -9.44 -10.20 -8.07
CA ILE A 17 -8.78 -8.94 -8.37
C ILE A 17 -8.54 -8.14 -7.10
N LEU A 18 -9.45 -8.27 -6.15
CA LEU A 18 -9.32 -7.56 -4.88
C LEU A 18 -8.13 -8.07 -4.10
N THR A 19 -7.85 -9.36 -4.21
CA THR A 19 -6.72 -9.97 -3.51
C THR A 19 -5.41 -9.41 -4.05
N LEU A 20 -5.26 -9.45 -5.37
CA LEU A 20 -4.04 -8.95 -6.00
C LEU A 20 -3.85 -7.47 -5.68
N SER A 21 -4.94 -6.71 -5.72
CA SER A 21 -4.87 -5.28 -5.42
C SER A 21 -4.50 -5.05 -3.97
N LEU A 22 -5.20 -5.72 -3.06
CA LEU A 22 -4.92 -5.57 -1.64
C LEU A 22 -3.46 -5.89 -1.34
N ILE A 23 -2.94 -6.92 -2.00
CA ILE A 23 -1.56 -7.32 -1.79
C ILE A 23 -0.61 -6.18 -2.16
N LEU A 24 -0.63 -5.78 -3.42
CA LEU A 24 0.24 -4.71 -3.90
C LEU A 24 0.03 -3.45 -3.05
N VAL A 25 -1.19 -3.29 -2.56
CA VAL A 25 -1.51 -2.12 -1.74
C VAL A 25 -0.81 -2.21 -0.39
N LEU A 26 -0.99 -3.32 0.30
CA LEU A 26 -0.38 -3.52 1.61
C LEU A 26 1.14 -3.54 1.48
N ILE A 27 1.64 -4.14 0.40
CA ILE A 27 3.07 -4.22 0.18
C ILE A 27 3.65 -2.85 -0.12
N SER A 28 3.03 -2.15 -1.07
CA SER A 28 3.51 -0.82 -1.43
C SER A 28 3.53 0.10 -0.22
N LEU A 29 2.47 0.03 0.58
CA LEU A 29 2.38 0.87 1.78
C LEU A 29 3.52 0.56 2.73
N LEU A 30 3.83 -0.71 2.89
CA LEU A 30 4.91 -1.12 3.78
C LEU A 30 6.23 -0.58 3.29
N LEU A 31 6.48 -0.74 2.00
CA LEU A 31 7.73 -0.26 1.40
C LEU A 31 7.90 1.23 1.65
N THR A 32 6.82 1.98 1.47
CA THR A 32 6.86 3.42 1.66
C THR A 32 7.25 3.75 3.09
N VAL A 33 6.63 3.05 4.05
CA VAL A 33 6.93 3.28 5.45
C VAL A 33 8.37 2.90 5.77
N LEU A 34 8.81 1.76 5.24
CA LEU A 34 10.17 1.30 5.47
C LEU A 34 11.18 2.26 4.86
N ALA A 35 11.00 2.58 3.58
CA ALA A 35 11.90 3.50 2.90
C ALA A 35 11.92 4.84 3.61
N LEU A 36 10.79 5.21 4.19
CA LEU A 36 10.68 6.48 4.90
C LEU A 36 11.54 6.47 6.16
N LEU A 37 11.40 5.42 6.95
CA LEU A 37 12.18 5.30 8.19
C LEU A 37 13.66 5.14 7.88
N SER A 38 13.96 4.38 6.81
CA SER A 38 15.35 4.16 6.42
C SER A 38 16.03 5.48 6.09
N HIS A 39 15.34 6.31 5.31
CA HIS A 39 15.89 7.60 4.91
C HIS A 39 16.15 8.47 6.13
N ARG A 40 15.18 8.52 7.03
CA ARG A 40 15.30 9.32 8.24
C ARG A 40 16.49 8.83 9.08
N ARG A 41 16.63 7.52 9.18
CA ARG A 41 17.72 6.93 9.95
C ARG A 41 19.06 7.33 9.35
N THR A 42 19.18 7.21 8.04
CA THR A 42 20.43 7.55 7.36
C THR A 42 20.78 9.01 7.60
N LEU A 43 19.78 9.88 7.48
CA LEU A 43 20.01 11.31 7.69
C LEU A 43 20.58 11.56 9.08
N GLN A 44 20.06 10.85 10.07
CA GLN A 44 20.54 11.01 11.43
C GLN A 44 22.03 10.71 11.52
N GLN A 45 22.43 9.56 11.00
CA GLN A 45 23.83 9.16 11.02
C GLN A 45 24.68 10.18 10.27
N LYS A 46 24.21 10.56 9.09
CA LYS A 46 24.94 11.54 8.27
C LYS A 46 25.15 12.84 9.05
N ILE A 47 24.07 13.37 9.60
CA ILE A 47 24.16 14.61 10.37
C ILE A 47 25.10 14.44 11.55
N TRP A 48 24.97 13.32 12.26
CA TRP A 48 25.82 13.07 13.40
C TRP A 48 27.28 12.89 12.98
N PRO A 49 28.20 13.07 13.89
CA PRO A 49 29.66 12.92 13.60
C PRO A 49 30.05 11.48 13.30
N MET A 1 -16.78 12.40 -10.05
CA MET A 1 -15.49 13.13 -10.01
C MET A 1 -14.35 12.14 -10.20
N SER A 2 -14.28 11.14 -9.31
CA SER A 2 -13.22 10.13 -9.40
C SER A 2 -13.50 9.00 -8.42
N GLU A 3 -14.74 8.93 -7.92
CA GLU A 3 -15.12 7.89 -6.99
C GLU A 3 -16.57 7.51 -7.19
N PRO A 4 -16.93 7.15 -8.39
CA PRO A 4 -18.33 6.74 -8.73
C PRO A 4 -18.76 5.47 -7.99
N ALA A 5 -19.97 5.50 -7.45
CA ALA A 5 -20.50 4.35 -6.71
C ALA A 5 -20.60 3.14 -7.63
N SER A 6 -20.31 3.34 -8.90
CA SER A 6 -20.37 2.25 -9.88
C SER A 6 -19.21 1.29 -9.69
N LEU A 7 -18.08 1.81 -9.24
CA LEU A 7 -16.90 0.97 -9.03
C LEU A 7 -17.24 -0.21 -8.13
N LEU A 8 -17.85 0.08 -6.99
CA LEU A 8 -18.23 -0.98 -6.06
C LEU A 8 -19.37 -1.80 -6.63
N THR A 9 -20.34 -1.12 -7.24
CA THR A 9 -21.48 -1.81 -7.83
C THR A 9 -21.05 -2.63 -9.05
N ALA A 10 -19.78 -2.53 -9.41
CA ALA A 10 -19.26 -3.27 -10.55
C ALA A 10 -18.37 -4.43 -10.10
N SER A 11 -17.62 -4.18 -9.05
CA SER A 11 -16.72 -5.20 -8.51
C SER A 11 -17.44 -6.06 -7.48
N ASP A 12 -18.71 -5.72 -7.22
CA ASP A 12 -19.50 -6.47 -6.25
C ASP A 12 -19.72 -7.90 -6.70
N LEU A 13 -19.23 -8.21 -7.91
CA LEU A 13 -19.37 -9.55 -8.47
C LEU A 13 -18.00 -10.12 -8.83
N ASP A 14 -16.97 -9.63 -8.17
CA ASP A 14 -15.62 -10.11 -8.42
C ASP A 14 -14.66 -9.56 -7.36
N PRO A 15 -14.60 -10.19 -6.21
CA PRO A 15 -13.71 -9.75 -5.09
C PRO A 15 -12.28 -10.24 -5.27
N LEU A 16 -12.05 -11.01 -6.33
CA LEU A 16 -10.72 -11.54 -6.60
C LEU A 16 -9.76 -10.41 -6.94
N ILE A 17 -10.27 -9.39 -7.63
CA ILE A 17 -9.45 -8.25 -8.01
C ILE A 17 -9.08 -7.44 -6.77
N LEU A 18 -10.00 -7.35 -5.83
CA LEU A 18 -9.76 -6.60 -4.60
C LEU A 18 -8.63 -7.23 -3.79
N THR A 19 -8.63 -8.56 -3.73
CA THR A 19 -7.60 -9.28 -2.98
C THR A 19 -6.22 -9.02 -3.58
N LEU A 20 -6.13 -9.13 -4.90
CA LEU A 20 -4.86 -8.91 -5.58
C LEU A 20 -4.41 -7.46 -5.39
N SER A 21 -5.37 -6.54 -5.38
CA SER A 21 -5.06 -5.13 -5.20
C SER A 21 -4.60 -4.87 -3.77
N LEU A 22 -5.41 -5.29 -2.81
CA LEU A 22 -5.07 -5.10 -1.40
C LEU A 22 -3.70 -5.68 -1.10
N ILE A 23 -3.35 -6.77 -1.76
CA ILE A 23 -2.07 -7.42 -1.54
C ILE A 23 -0.92 -6.50 -1.97
N LEU A 24 -0.89 -6.16 -3.26
CA LEU A 24 0.15 -5.29 -3.78
C LEU A 24 0.18 -3.99 -3.00
N VAL A 25 -0.97 -3.58 -2.49
CA VAL A 25 -1.07 -2.34 -1.73
C VAL A 25 -0.37 -2.49 -0.38
N LEU A 26 -0.75 -3.52 0.37
CA LEU A 26 -0.16 -3.75 1.68
C LEU A 26 1.35 -3.86 1.58
N ILE A 27 1.82 -4.53 0.53
CA ILE A 27 3.25 -4.70 0.33
C ILE A 27 3.89 -3.39 -0.14
N SER A 28 3.31 -2.80 -1.19
CA SER A 28 3.84 -1.54 -1.72
C SER A 28 3.99 -0.51 -0.61
N LEU A 29 3.01 -0.47 0.28
CA LEU A 29 3.04 0.49 1.38
C LEU A 29 4.19 0.19 2.32
N LEU A 30 4.34 -1.06 2.72
CA LEU A 30 5.41 -1.45 3.62
C LEU A 30 6.76 -1.19 2.97
N LEU A 31 6.87 -1.48 1.68
CA LEU A 31 8.12 -1.29 0.96
C LEU A 31 8.54 0.18 1.01
N THR A 32 7.58 1.08 0.80
CA THR A 32 7.87 2.51 0.82
C THR A 32 8.21 2.96 2.24
N VAL A 33 7.47 2.45 3.21
CA VAL A 33 7.70 2.81 4.60
C VAL A 33 9.13 2.50 5.01
N LEU A 34 9.63 1.35 4.58
CA LEU A 34 10.99 0.95 4.91
C LEU A 34 12.00 1.87 4.26
N ALA A 35 11.85 2.08 2.95
CA ALA A 35 12.78 2.95 2.22
C ALA A 35 12.79 4.34 2.85
N LEU A 36 11.63 4.75 3.34
CA LEU A 36 11.52 6.07 3.98
C LEU A 36 12.20 6.08 5.34
N LEU A 37 11.97 5.02 6.11
CA LEU A 37 12.58 4.93 7.43
C LEU A 37 14.09 4.83 7.32
N SER A 38 14.56 4.04 6.37
CA SER A 38 15.99 3.87 6.18
C SER A 38 16.65 5.21 5.85
N HIS A 39 16.02 5.98 4.98
CA HIS A 39 16.55 7.28 4.60
C HIS A 39 16.57 8.21 5.80
N ARG A 40 15.56 8.10 6.66
CA ARG A 40 15.48 8.93 7.85
C ARG A 40 16.61 8.61 8.81
N ARG A 41 16.82 7.32 9.06
CA ARG A 41 17.89 6.90 9.96
C ARG A 41 19.24 7.42 9.49
N THR A 42 19.46 7.36 8.17
CA THR A 42 20.71 7.82 7.59
C THR A 42 20.88 9.32 7.79
N LEU A 43 19.83 10.08 7.46
CA LEU A 43 19.88 11.53 7.61
C LEU A 43 20.20 11.91 9.05
N GLN A 44 19.50 11.29 10.00
CA GLN A 44 19.72 11.58 11.41
C GLN A 44 21.19 11.38 11.77
N GLN A 45 21.76 10.27 11.30
CA GLN A 45 23.16 9.97 11.57
C GLN A 45 24.06 11.08 11.06
N LYS A 46 23.84 11.47 9.81
CA LYS A 46 24.64 12.53 9.20
C LYS A 46 24.52 13.82 10.01
N ILE A 47 23.32 14.08 10.50
CA ILE A 47 23.09 15.29 11.30
C ILE A 47 23.73 15.15 12.67
N TRP A 48 23.65 13.95 13.23
CA TRP A 48 24.21 13.71 14.56
C TRP A 48 25.74 13.82 14.51
N PRO A 49 26.37 14.03 15.64
CA PRO A 49 27.85 14.16 15.72
C PRO A 49 28.57 13.15 14.84
N MET A 1 -17.88 10.10 -9.97
CA MET A 1 -17.04 11.15 -9.31
C MET A 1 -15.71 10.55 -8.89
N SER A 2 -15.76 9.62 -7.94
CA SER A 2 -14.56 8.97 -7.45
C SER A 2 -14.90 7.72 -6.65
N GLU A 3 -16.16 7.61 -6.26
CA GLU A 3 -16.61 6.45 -5.48
C GLU A 3 -17.84 5.83 -6.12
N PRO A 4 -17.76 5.48 -7.37
CA PRO A 4 -18.88 4.85 -8.12
C PRO A 4 -19.25 3.48 -7.56
N ALA A 5 -20.55 3.19 -7.53
CA ALA A 5 -21.02 1.91 -7.01
C ALA A 5 -20.43 0.76 -7.81
N SER A 6 -19.75 1.09 -8.91
CA SER A 6 -19.14 0.08 -9.75
C SER A 6 -18.21 -0.80 -8.94
N LEU A 7 -17.55 -0.21 -7.95
CA LEU A 7 -16.63 -0.95 -7.10
C LEU A 7 -17.39 -1.89 -6.18
N LEU A 8 -18.33 -1.33 -5.43
CA LEU A 8 -19.12 -2.14 -4.51
C LEU A 8 -19.75 -3.33 -5.22
N THR A 9 -20.02 -3.15 -6.50
CA THR A 9 -20.62 -4.23 -7.29
C THR A 9 -19.56 -5.25 -7.70
N ALA A 10 -18.53 -4.76 -8.37
CA ALA A 10 -17.45 -5.63 -8.83
C ALA A 10 -16.86 -6.41 -7.66
N SER A 11 -17.20 -5.99 -6.45
CA SER A 11 -16.71 -6.66 -5.25
C SER A 11 -17.43 -7.98 -5.05
N ASP A 12 -18.43 -8.24 -5.87
CA ASP A 12 -19.20 -9.47 -5.78
C ASP A 12 -19.10 -10.28 -7.07
N LEU A 13 -19.05 -9.57 -8.18
CA LEU A 13 -18.95 -10.22 -9.48
C LEU A 13 -17.53 -10.74 -9.72
N ASP A 14 -16.58 -10.16 -9.00
CA ASP A 14 -15.19 -10.58 -9.13
C ASP A 14 -14.33 -9.96 -8.02
N PRO A 15 -14.34 -10.56 -6.86
CA PRO A 15 -13.56 -10.07 -5.69
C PRO A 15 -12.10 -10.50 -5.76
N LEU A 16 -11.77 -11.31 -6.75
CA LEU A 16 -10.40 -11.79 -6.91
C LEU A 16 -9.45 -10.62 -7.14
N ILE A 17 -9.92 -9.61 -7.87
CA ILE A 17 -9.09 -8.45 -8.15
C ILE A 17 -8.77 -7.70 -6.86
N LEU A 18 -9.76 -7.55 -5.99
CA LEU A 18 -9.57 -6.86 -4.73
C LEU A 18 -8.52 -7.55 -3.89
N THR A 19 -8.57 -8.88 -3.87
CA THR A 19 -7.60 -9.66 -3.10
C THR A 19 -6.19 -9.40 -3.59
N LEU A 20 -6.00 -9.46 -4.90
CA LEU A 20 -4.69 -9.23 -5.49
C LEU A 20 -4.23 -7.79 -5.28
N SER A 21 -5.19 -6.87 -5.32
CA SER A 21 -4.87 -5.46 -5.14
C SER A 21 -4.46 -5.18 -3.70
N LEU A 22 -5.26 -5.68 -2.75
CA LEU A 22 -4.97 -5.47 -1.33
C LEU A 22 -3.55 -5.90 -1.00
N ILE A 23 -3.16 -7.07 -1.51
CA ILE A 23 -1.82 -7.58 -1.26
C ILE A 23 -0.78 -6.59 -1.77
N LEU A 24 -0.89 -6.23 -3.05
CA LEU A 24 0.06 -5.31 -3.65
C LEU A 24 0.06 -3.98 -2.92
N VAL A 25 -1.12 -3.58 -2.46
CA VAL A 25 -1.25 -2.33 -1.73
C VAL A 25 -0.50 -2.39 -0.40
N LEU A 26 -0.77 -3.44 0.37
CA LEU A 26 -0.11 -3.61 1.66
C LEU A 26 1.39 -3.71 1.48
N ILE A 27 1.82 -4.42 0.44
CA ILE A 27 3.24 -4.58 0.16
C ILE A 27 3.86 -3.26 -0.29
N SER A 28 3.20 -2.61 -1.25
CA SER A 28 3.68 -1.34 -1.76
C SER A 28 3.88 -0.33 -0.62
N LEU A 29 2.88 -0.26 0.24
CA LEU A 29 2.94 0.67 1.37
C LEU A 29 4.13 0.34 2.28
N LEU A 30 4.23 -0.93 2.66
CA LEU A 30 5.32 -1.37 3.53
C LEU A 30 6.67 -1.02 2.90
N LEU A 31 6.82 -1.31 1.62
CA LEU A 31 8.07 -1.03 0.92
C LEU A 31 8.41 0.46 1.02
N THR A 32 7.41 1.30 0.82
CA THR A 32 7.62 2.75 0.89
C THR A 32 7.91 3.17 2.33
N VAL A 33 7.17 2.60 3.26
CA VAL A 33 7.35 2.93 4.67
C VAL A 33 8.78 2.65 5.10
N LEU A 34 9.35 1.58 4.60
CA LEU A 34 10.73 1.21 4.94
C LEU A 34 11.71 2.23 4.38
N ALA A 35 11.61 2.50 3.09
CA ALA A 35 12.49 3.47 2.44
C ALA A 35 12.38 4.82 3.14
N LEU A 36 11.20 5.11 3.67
CA LEU A 36 10.97 6.38 4.36
C LEU A 36 11.78 6.46 5.64
N LEU A 37 11.64 5.44 6.49
CA LEU A 37 12.36 5.39 7.76
C LEU A 37 13.86 5.35 7.51
N SER A 38 14.27 4.55 6.53
CA SER A 38 15.68 4.41 6.20
C SER A 38 16.28 5.78 5.85
N HIS A 39 15.56 6.54 5.04
CA HIS A 39 16.03 7.87 4.64
C HIS A 39 16.18 8.78 5.86
N ARG A 40 15.18 8.75 6.72
CA ARG A 40 15.20 9.59 7.93
C ARG A 40 16.31 9.12 8.87
N ARG A 41 16.54 7.81 8.90
CA ARG A 41 17.58 7.25 9.77
C ARG A 41 18.96 7.67 9.29
N THR A 42 19.20 7.55 7.99
CA THR A 42 20.49 7.93 7.43
C THR A 42 20.77 9.41 7.65
N LEU A 43 19.74 10.23 7.48
CA LEU A 43 19.89 11.67 7.67
C LEU A 43 20.30 11.98 9.10
N GLN A 44 19.68 11.29 10.05
CA GLN A 44 19.99 11.50 11.46
C GLN A 44 21.42 11.04 11.76
N GLN A 45 21.83 9.95 11.13
CA GLN A 45 23.18 9.42 11.35
C GLN A 45 24.22 10.40 10.80
N LYS A 46 23.92 10.99 9.64
CA LYS A 46 24.85 11.93 9.02
C LYS A 46 25.11 13.10 9.96
N ILE A 47 24.06 13.66 10.53
CA ILE A 47 24.20 14.79 11.45
C ILE A 47 24.94 14.36 12.70
N TRP A 48 24.59 13.18 13.22
CA TRP A 48 25.23 12.67 14.42
C TRP A 48 26.62 12.10 14.10
N PRO A 49 27.47 12.00 15.08
CA PRO A 49 28.84 11.45 14.91
C PRO A 49 28.82 9.94 14.67
N MET A 1 -14.44 17.09 -8.23
CA MET A 1 -13.54 16.47 -7.22
C MET A 1 -12.58 15.50 -7.92
N SER A 2 -12.99 15.02 -9.09
CA SER A 2 -12.16 14.09 -9.85
C SER A 2 -11.86 12.84 -9.04
N GLU A 3 -12.71 12.56 -8.05
CA GLU A 3 -12.52 11.40 -7.20
C GLU A 3 -13.86 10.68 -6.97
N PRO A 4 -14.53 10.32 -8.02
CA PRO A 4 -15.84 9.62 -7.94
C PRO A 4 -15.71 8.23 -7.34
N ALA A 5 -16.79 7.74 -6.73
CA ALA A 5 -16.78 6.42 -6.11
C ALA A 5 -16.56 5.33 -7.16
N SER A 6 -16.53 5.74 -8.41
CA SER A 6 -16.32 4.78 -9.51
C SER A 6 -14.89 4.26 -9.50
N LEU A 7 -13.95 5.11 -9.08
CA LEU A 7 -12.55 4.71 -9.04
C LEU A 7 -12.39 3.35 -8.33
N LEU A 8 -13.03 3.23 -7.18
CA LEU A 8 -12.96 1.98 -6.42
C LEU A 8 -13.85 0.92 -7.06
N THR A 9 -15.01 1.33 -7.53
CA THR A 9 -15.95 0.40 -8.15
C THR A 9 -15.31 -0.27 -9.35
N ALA A 10 -14.19 0.29 -9.81
CA ALA A 10 -13.48 -0.27 -10.96
C ALA A 10 -12.39 -1.22 -10.49
N SER A 11 -11.55 -0.71 -9.60
CA SER A 11 -10.45 -1.51 -9.08
C SER A 11 -10.96 -2.71 -8.30
N ASP A 12 -12.26 -2.70 -8.02
CA ASP A 12 -12.90 -3.79 -7.28
C ASP A 12 -14.04 -4.39 -8.10
N LEU A 13 -13.82 -4.50 -9.41
CA LEU A 13 -14.83 -5.06 -10.29
C LEU A 13 -15.13 -6.50 -9.91
N ASP A 14 -14.24 -7.11 -9.13
CA ASP A 14 -14.43 -8.49 -8.72
C ASP A 14 -13.72 -8.74 -7.38
N PRO A 15 -14.14 -9.75 -6.65
CA PRO A 15 -13.53 -10.10 -5.34
C PRO A 15 -12.07 -10.56 -5.48
N LEU A 16 -11.83 -11.43 -6.45
CA LEU A 16 -10.48 -11.93 -6.69
C LEU A 16 -9.52 -10.78 -6.93
N ILE A 17 -9.97 -9.79 -7.69
CA ILE A 17 -9.13 -8.64 -8.01
C ILE A 17 -8.82 -7.86 -6.75
N LEU A 18 -9.81 -7.71 -5.88
CA LEU A 18 -9.62 -6.98 -4.64
C LEU A 18 -8.49 -7.59 -3.83
N THR A 19 -8.45 -8.92 -3.78
CA THR A 19 -7.40 -9.61 -3.03
C THR A 19 -6.04 -9.30 -3.62
N LEU A 20 -5.90 -9.51 -4.92
CA LEU A 20 -4.63 -9.23 -5.59
C LEU A 20 -4.24 -7.77 -5.41
N SER A 21 -5.23 -6.88 -5.54
CA SER A 21 -4.99 -5.46 -5.39
C SER A 21 -4.51 -5.15 -3.97
N LEU A 22 -5.24 -5.64 -2.98
CA LEU A 22 -4.88 -5.41 -1.58
C LEU A 22 -3.43 -5.79 -1.34
N ILE A 23 -3.02 -6.92 -1.89
CA ILE A 23 -1.64 -7.39 -1.72
C ILE A 23 -0.65 -6.34 -2.23
N LEU A 24 -0.77 -5.96 -3.50
CA LEU A 24 0.11 -4.98 -4.10
C LEU A 24 0.04 -3.65 -3.34
N VAL A 25 -1.09 -3.44 -2.67
CA VAL A 25 -1.28 -2.21 -1.91
C VAL A 25 -0.55 -2.27 -0.57
N LEU A 26 -0.81 -3.34 0.18
CA LEU A 26 -0.18 -3.52 1.48
C LEU A 26 1.34 -3.57 1.35
N ILE A 27 1.82 -4.33 0.38
CA ILE A 27 3.25 -4.46 0.18
C ILE A 27 3.84 -3.12 -0.27
N SER A 28 3.16 -2.46 -1.20
CA SER A 28 3.63 -1.17 -1.70
C SER A 28 3.77 -0.18 -0.57
N LEU A 29 2.80 -0.19 0.34
CA LEU A 29 2.82 0.73 1.47
C LEU A 29 3.98 0.40 2.41
N LEU A 30 4.09 -0.87 2.78
CA LEU A 30 5.16 -1.29 3.68
C LEU A 30 6.51 -0.87 3.12
N LEU A 31 6.73 -1.14 1.84
CA LEU A 31 7.99 -0.79 1.20
C LEU A 31 8.28 0.69 1.37
N THR A 32 7.31 1.53 1.01
CA THR A 32 7.48 2.97 1.13
C THR A 32 7.88 3.34 2.55
N VAL A 33 7.11 2.87 3.52
CA VAL A 33 7.40 3.16 4.92
C VAL A 33 8.83 2.74 5.26
N LEU A 34 9.22 1.56 4.83
CA LEU A 34 10.57 1.06 5.12
C LEU A 34 11.62 1.98 4.52
N ALA A 35 11.47 2.29 3.23
CA ALA A 35 12.42 3.16 2.56
C ALA A 35 12.46 4.52 3.25
N LEU A 36 11.30 4.92 3.77
CA LEU A 36 11.19 6.21 4.46
C LEU A 36 11.94 6.18 5.78
N LEU A 37 11.75 5.11 6.54
CA LEU A 37 12.41 4.97 7.83
C LEU A 37 13.93 4.91 7.64
N SER A 38 14.37 4.16 6.64
CA SER A 38 15.79 4.03 6.36
C SER A 38 16.40 5.39 6.05
N HIS A 39 15.73 6.15 5.19
CA HIS A 39 16.22 7.48 4.81
C HIS A 39 16.33 8.38 6.04
N ARG A 40 15.27 8.40 6.85
CA ARG A 40 15.27 9.22 8.05
C ARG A 40 16.41 8.84 8.97
N ARG A 41 16.66 7.53 9.12
CA ARG A 41 17.74 7.05 9.97
C ARG A 41 19.09 7.55 9.45
N THR A 42 19.30 7.42 8.15
CA THR A 42 20.55 7.87 7.55
C THR A 42 20.77 9.35 7.79
N LEU A 43 19.72 10.13 7.59
CA LEU A 43 19.80 11.58 7.79
C LEU A 43 20.31 11.89 9.20
N GLN A 44 19.74 11.22 10.19
CA GLN A 44 20.13 11.45 11.57
C GLN A 44 21.61 11.16 11.75
N GLN A 45 22.10 10.11 11.10
CA GLN A 45 23.50 9.74 11.20
C GLN A 45 24.38 10.79 10.54
N LYS A 46 23.99 11.19 9.33
CA LYS A 46 24.75 12.20 8.59
C LYS A 46 24.97 13.45 9.44
N ILE A 47 23.93 13.87 10.15
CA ILE A 47 24.02 15.06 10.98
C ILE A 47 24.74 14.75 12.28
N TRP A 48 24.45 13.60 12.87
CA TRP A 48 25.08 13.20 14.12
C TRP A 48 25.60 11.76 14.01
N PRO A 49 26.70 11.57 13.33
CA PRO A 49 27.31 10.23 13.14
C PRO A 49 27.46 9.47 14.46
N MET A 1 -26.51 -11.04 10.75
CA MET A 1 -26.60 -10.40 9.41
C MET A 1 -28.05 -9.99 9.15
N SER A 2 -28.43 -8.81 9.64
CA SER A 2 -29.79 -8.32 9.46
C SER A 2 -29.92 -7.58 8.14
N GLU A 3 -28.90 -7.71 7.29
CA GLU A 3 -28.90 -7.04 5.99
C GLU A 3 -28.86 -8.06 4.86
N PRO A 4 -29.25 -7.67 3.68
CA PRO A 4 -29.26 -8.56 2.48
C PRO A 4 -27.84 -8.93 2.02
N ALA A 5 -27.65 -10.20 1.70
CA ALA A 5 -26.34 -10.67 1.25
C ALA A 5 -25.98 -10.06 -0.10
N SER A 6 -26.94 -9.37 -0.69
CA SER A 6 -26.72 -8.73 -1.98
C SER A 6 -25.80 -7.52 -1.83
N LEU A 7 -25.93 -6.82 -0.72
CA LEU A 7 -25.11 -5.64 -0.47
C LEU A 7 -23.63 -5.97 -0.63
N LEU A 8 -23.19 -6.99 0.09
CA LEU A 8 -21.79 -7.40 0.02
C LEU A 8 -21.44 -7.93 -1.36
N THR A 9 -22.31 -8.78 -1.88
CA THR A 9 -22.10 -9.36 -3.20
C THR A 9 -22.22 -8.30 -4.29
N ALA A 10 -22.69 -7.12 -3.89
CA ALA A 10 -22.86 -6.02 -4.83
C ALA A 10 -21.79 -4.95 -4.63
N SER A 11 -21.21 -4.96 -3.45
CA SER A 11 -20.16 -3.99 -3.12
C SER A 11 -18.79 -4.53 -3.44
N ASP A 12 -18.70 -5.85 -3.62
CA ASP A 12 -17.43 -6.50 -3.94
C ASP A 12 -17.54 -7.27 -5.26
N LEU A 13 -18.24 -6.68 -6.23
CA LEU A 13 -18.41 -7.33 -7.52
C LEU A 13 -17.09 -7.91 -8.01
N ASP A 14 -15.98 -7.39 -7.48
CA ASP A 14 -14.66 -7.89 -7.87
C ASP A 14 -13.87 -8.29 -6.62
N PRO A 15 -14.09 -9.49 -6.13
CA PRO A 15 -13.39 -10.00 -4.92
C PRO A 15 -11.98 -10.50 -5.22
N LEU A 16 -11.86 -11.23 -6.32
CA LEU A 16 -10.57 -11.77 -6.72
C LEU A 16 -9.55 -10.65 -6.92
N ILE A 17 -9.94 -9.62 -7.65
CA ILE A 17 -9.05 -8.50 -7.90
C ILE A 17 -8.81 -7.71 -6.62
N LEU A 18 -9.83 -7.61 -5.77
CA LEU A 18 -9.70 -6.89 -4.52
C LEU A 18 -8.62 -7.53 -3.67
N THR A 19 -8.64 -8.86 -3.63
CA THR A 19 -7.67 -9.60 -2.83
C THR A 19 -6.25 -9.33 -3.30
N LEU A 20 -6.04 -9.43 -4.59
CA LEU A 20 -4.71 -9.19 -5.16
C LEU A 20 -4.32 -7.73 -4.99
N SER A 21 -5.31 -6.84 -5.11
CA SER A 21 -5.05 -5.41 -4.96
C SER A 21 -4.64 -5.07 -3.54
N LEU A 22 -5.41 -5.55 -2.57
CA LEU A 22 -5.10 -5.28 -1.17
C LEU A 22 -3.67 -5.69 -0.84
N ILE A 23 -3.28 -6.88 -1.29
CA ILE A 23 -1.93 -7.37 -1.03
C ILE A 23 -0.90 -6.40 -1.61
N LEU A 24 -1.02 -6.10 -2.90
CA LEU A 24 -0.09 -5.20 -3.57
C LEU A 24 -0.08 -3.84 -2.89
N VAL A 25 -1.25 -3.41 -2.46
CA VAL A 25 -1.37 -2.12 -1.78
C VAL A 25 -0.63 -2.14 -0.46
N LEU A 26 -0.91 -3.13 0.36
CA LEU A 26 -0.26 -3.26 1.66
C LEU A 26 1.24 -3.41 1.48
N ILE A 27 1.64 -4.29 0.57
CA ILE A 27 3.06 -4.52 0.32
C ILE A 27 3.73 -3.24 -0.16
N SER A 28 3.16 -2.63 -1.20
CA SER A 28 3.72 -1.40 -1.74
C SER A 28 3.92 -0.37 -0.64
N LEU A 29 2.94 -0.25 0.24
CA LEU A 29 3.02 0.70 1.34
C LEU A 29 4.21 0.39 2.24
N LEU A 30 4.37 -0.88 2.58
CA LEU A 30 5.48 -1.31 3.43
C LEU A 30 6.81 -1.02 2.76
N LEU A 31 6.91 -1.35 1.47
CA LEU A 31 8.14 -1.13 0.73
C LEU A 31 8.54 0.34 0.78
N THR A 32 7.55 1.21 0.60
CA THR A 32 7.81 2.65 0.63
C THR A 32 8.26 3.08 2.03
N VAL A 33 7.56 2.58 3.04
CA VAL A 33 7.89 2.92 4.42
C VAL A 33 9.34 2.60 4.73
N LEU A 34 9.78 1.40 4.34
CA LEU A 34 11.15 0.98 4.58
C LEU A 34 12.15 1.96 3.96
N ALA A 35 11.95 2.25 2.67
CA ALA A 35 12.82 3.17 1.97
C ALA A 35 12.76 4.54 2.61
N LEU A 36 11.60 4.87 3.13
CA LEU A 36 11.41 6.17 3.78
C LEU A 36 12.16 6.24 5.10
N LEU A 37 12.04 5.18 5.89
CA LEU A 37 12.70 5.12 7.19
C LEU A 37 14.21 5.06 7.00
N SER A 38 14.65 4.30 6.00
CA SER A 38 16.08 4.16 5.73
C SER A 38 16.69 5.52 5.45
N HIS A 39 16.01 6.31 4.63
CA HIS A 39 16.51 7.64 4.28
C HIS A 39 16.56 8.53 5.52
N ARG A 40 15.47 8.54 6.29
CA ARG A 40 15.40 9.36 7.49
C ARG A 40 16.53 9.00 8.45
N ARG A 41 16.81 7.70 8.57
CA ARG A 41 17.87 7.23 9.45
C ARG A 41 19.23 7.76 8.98
N THR A 42 19.47 7.69 7.67
CA THR A 42 20.73 8.15 7.11
C THR A 42 20.99 9.60 7.52
N LEU A 43 19.99 10.45 7.35
CA LEU A 43 20.13 11.86 7.71
C LEU A 43 20.33 12.02 9.21
N GLN A 44 19.57 11.25 9.99
CA GLN A 44 19.68 11.32 11.43
C GLN A 44 21.09 10.95 11.89
N GLN A 45 21.63 9.89 11.32
CA GLN A 45 22.98 9.45 11.67
C GLN A 45 24.00 10.55 11.39
N LYS A 46 23.89 11.17 10.22
CA LYS A 46 24.80 12.23 9.83
C LYS A 46 24.67 13.42 10.78
N ILE A 47 23.44 13.77 11.12
CA ILE A 47 23.20 14.89 12.03
C ILE A 47 23.69 14.57 13.43
N TRP A 48 23.50 13.33 13.85
CA TRP A 48 23.93 12.90 15.18
C TRP A 48 24.65 11.56 15.10
N PRO A 49 25.87 11.56 14.62
CA PRO A 49 26.68 10.31 14.49
C PRO A 49 26.81 9.56 15.81
N MET A 1 -27.71 -28.58 -10.10
CA MET A 1 -26.91 -29.01 -11.28
C MET A 1 -25.45 -28.61 -11.07
N SER A 2 -25.11 -28.23 -9.85
CA SER A 2 -23.74 -27.82 -9.53
C SER A 2 -23.27 -26.75 -10.50
N GLU A 3 -24.20 -26.21 -11.29
CA GLU A 3 -23.86 -25.17 -12.25
C GLU A 3 -24.80 -23.97 -12.11
N PRO A 4 -24.83 -23.39 -10.94
CA PRO A 4 -25.69 -22.21 -10.65
C PRO A 4 -25.23 -20.96 -11.40
N ALA A 5 -26.15 -20.02 -11.58
CA ALA A 5 -25.82 -18.78 -12.28
C ALA A 5 -24.77 -17.98 -11.52
N SER A 6 -24.42 -18.47 -10.33
CA SER A 6 -23.42 -17.81 -9.52
C SER A 6 -22.09 -17.70 -10.26
N LEU A 7 -21.81 -18.69 -11.10
CA LEU A 7 -20.57 -18.69 -11.87
C LEU A 7 -20.49 -17.45 -12.76
N LEU A 8 -21.53 -17.22 -13.54
CA LEU A 8 -21.57 -16.06 -14.42
C LEU A 8 -21.51 -14.78 -13.62
N THR A 9 -22.16 -14.77 -12.48
CA THR A 9 -22.18 -13.59 -11.62
C THR A 9 -20.77 -13.26 -11.14
N ALA A 10 -20.00 -14.30 -10.88
CA ALA A 10 -18.63 -14.11 -10.41
C ALA A 10 -17.78 -13.41 -11.46
N SER A 11 -18.41 -13.06 -12.57
CA SER A 11 -17.71 -12.39 -13.66
C SER A 11 -17.35 -10.96 -13.27
N ASP A 12 -17.91 -10.50 -12.15
CA ASP A 12 -17.65 -9.15 -11.67
C ASP A 12 -17.26 -9.17 -10.19
N LEU A 13 -17.23 -10.36 -9.61
CA LEU A 13 -16.88 -10.50 -8.20
C LEU A 13 -15.49 -11.10 -8.05
N ASP A 14 -14.98 -11.66 -9.15
CA ASP A 14 -13.65 -12.28 -9.16
C ASP A 14 -12.79 -11.74 -8.02
N PRO A 15 -12.88 -12.33 -6.85
CA PRO A 15 -12.13 -11.90 -5.65
C PRO A 15 -10.62 -11.87 -5.89
N LEU A 16 -10.18 -12.59 -6.92
CA LEU A 16 -8.78 -12.66 -7.26
C LEU A 16 -8.21 -11.26 -7.47
N ILE A 17 -8.96 -10.42 -8.16
CA ILE A 17 -8.53 -9.05 -8.43
C ILE A 17 -8.38 -8.27 -7.12
N LEU A 18 -9.31 -8.49 -6.20
CA LEU A 18 -9.27 -7.79 -4.92
C LEU A 18 -8.09 -8.29 -4.08
N THR A 19 -7.80 -9.58 -4.18
CA THR A 19 -6.70 -10.16 -3.43
C THR A 19 -5.37 -9.60 -3.91
N LEU A 20 -5.17 -9.62 -5.23
CA LEU A 20 -3.93 -9.10 -5.81
C LEU A 20 -3.77 -7.63 -5.51
N SER A 21 -4.87 -6.88 -5.61
CA SER A 21 -4.83 -5.45 -5.33
C SER A 21 -4.50 -5.19 -3.88
N LEU A 22 -5.24 -5.84 -2.98
CA LEU A 22 -5.00 -5.67 -1.55
C LEU A 22 -3.53 -5.92 -1.21
N ILE A 23 -2.95 -6.91 -1.87
CA ILE A 23 -1.55 -7.24 -1.62
C ILE A 23 -0.65 -6.08 -2.04
N LEU A 24 -0.67 -5.74 -3.31
CA LEU A 24 0.15 -4.65 -3.83
C LEU A 24 -0.10 -3.37 -3.03
N VAL A 25 -1.30 -3.27 -2.47
CA VAL A 25 -1.66 -2.08 -1.69
C VAL A 25 -0.99 -2.12 -0.33
N LEU A 26 -1.17 -3.23 0.39
CA LEU A 26 -0.57 -3.38 1.70
C LEU A 26 0.95 -3.38 1.61
N ILE A 27 1.47 -4.01 0.57
CA ILE A 27 2.91 -4.07 0.36
C ILE A 27 3.46 -2.69 0.01
N SER A 28 2.84 -2.04 -0.97
CA SER A 28 3.28 -0.71 -1.39
C SER A 28 3.30 0.24 -0.21
N LEU A 29 2.29 0.15 0.64
CA LEU A 29 2.22 1.01 1.82
C LEU A 29 3.38 0.74 2.77
N LEU A 30 3.61 -0.54 3.05
CA LEU A 30 4.69 -0.93 3.95
C LEU A 30 6.03 -0.41 3.42
N LEU A 31 6.25 -0.59 2.13
CA LEU A 31 7.49 -0.15 1.52
C LEU A 31 7.66 1.36 1.66
N THR A 32 6.54 2.08 1.54
CA THR A 32 6.57 3.53 1.67
C THR A 32 7.06 3.94 3.05
N VAL A 33 6.50 3.31 4.08
CA VAL A 33 6.89 3.62 5.45
C VAL A 33 8.33 3.19 5.71
N LEU A 34 8.71 2.05 5.15
CA LEU A 34 10.07 1.55 5.34
C LEU A 34 11.08 2.49 4.71
N ALA A 35 10.86 2.82 3.45
CA ALA A 35 11.77 3.72 2.73
C ALA A 35 11.86 5.05 3.47
N LEU A 36 10.76 5.43 4.12
CA LEU A 36 10.74 6.68 4.86
C LEU A 36 11.63 6.62 6.09
N LEU A 37 11.45 5.58 6.89
CA LEU A 37 12.24 5.40 8.10
C LEU A 37 13.71 5.26 7.73
N SER A 38 13.99 4.55 6.64
CA SER A 38 15.36 4.35 6.19
C SER A 38 16.01 5.68 5.83
N HIS A 39 15.27 6.51 5.09
CA HIS A 39 15.78 7.81 4.67
C HIS A 39 16.13 8.66 5.89
N ARG A 40 15.27 8.60 6.90
CA ARG A 40 15.50 9.38 8.13
C ARG A 40 16.71 8.85 8.88
N ARG A 41 16.79 7.53 9.03
CA ARG A 41 17.91 6.91 9.73
C ARG A 41 19.23 7.33 9.10
N THR A 42 19.25 7.40 7.77
CA THR A 42 20.47 7.80 7.06
C THR A 42 20.82 9.25 7.36
N LEU A 43 19.82 10.12 7.30
CA LEU A 43 20.04 11.53 7.58
C LEU A 43 20.67 11.72 8.94
N GLN A 44 20.26 10.91 9.91
CA GLN A 44 20.79 11.00 11.26
C GLN A 44 22.23 10.50 11.30
N GLN A 45 22.47 9.32 10.73
CA GLN A 45 23.81 8.75 10.71
C GLN A 45 24.77 9.68 9.99
N LYS A 46 24.23 10.59 9.19
CA LYS A 46 25.05 11.53 8.44
C LYS A 46 25.41 12.73 9.31
N ILE A 47 24.41 13.28 9.99
CA ILE A 47 24.62 14.45 10.85
C ILE A 47 25.28 14.03 12.15
N TRP A 48 25.01 12.80 12.57
CA TRP A 48 25.57 12.27 13.81
C TRP A 48 26.11 10.86 13.62
N PRO A 49 27.22 10.74 12.95
CA PRO A 49 27.86 9.42 12.68
C PRO A 49 28.62 8.89 13.89
N MET A 1 -9.21 9.60 0.63
CA MET A 1 -7.85 9.06 0.93
C MET A 1 -7.24 8.48 -0.35
N SER A 2 -7.74 7.33 -0.77
CA SER A 2 -7.25 6.68 -1.98
C SER A 2 -8.27 5.68 -2.50
N GLU A 3 -9.47 5.73 -1.97
CA GLU A 3 -10.54 4.81 -2.40
C GLU A 3 -11.84 5.58 -2.63
N PRO A 4 -11.92 6.30 -3.72
CA PRO A 4 -13.14 7.10 -4.08
C PRO A 4 -14.39 6.24 -4.08
N ALA A 5 -15.55 6.89 -3.93
CA ALA A 5 -16.81 6.17 -3.90
C ALA A 5 -17.06 5.50 -5.25
N SER A 6 -16.44 6.03 -6.29
CA SER A 6 -16.59 5.47 -7.62
C SER A 6 -15.87 4.13 -7.73
N LEU A 7 -14.59 4.11 -7.35
CA LEU A 7 -13.82 2.89 -7.40
C LEU A 7 -14.49 1.78 -6.60
N LEU A 8 -15.08 2.15 -5.48
CA LEU A 8 -15.76 1.17 -4.64
C LEU A 8 -17.04 0.70 -5.32
N THR A 9 -17.79 1.66 -5.85
CA THR A 9 -19.04 1.36 -6.52
C THR A 9 -18.82 0.50 -7.76
N ALA A 10 -17.58 0.45 -8.22
CA ALA A 10 -17.24 -0.34 -9.39
C ALA A 10 -16.49 -1.59 -8.98
N SER A 11 -15.91 -1.57 -7.79
CA SER A 11 -15.17 -2.72 -7.28
C SER A 11 -16.06 -3.63 -6.46
N ASP A 12 -17.30 -3.20 -6.23
CA ASP A 12 -18.25 -3.98 -5.47
C ASP A 12 -18.70 -5.20 -6.26
N LEU A 13 -17.97 -5.52 -7.32
CA LEU A 13 -18.31 -6.66 -8.15
C LEU A 13 -17.05 -7.38 -8.61
N ASP A 14 -15.93 -7.09 -7.96
CA ASP A 14 -14.67 -7.72 -8.31
C ASP A 14 -13.89 -8.09 -7.05
N PRO A 15 -14.19 -9.21 -6.44
CA PRO A 15 -13.51 -9.66 -5.19
C PRO A 15 -12.13 -10.24 -5.46
N LEU A 16 -12.02 -11.00 -6.55
CA LEU A 16 -10.74 -11.59 -6.91
C LEU A 16 -9.69 -10.53 -7.14
N ILE A 17 -10.06 -9.47 -7.85
CA ILE A 17 -9.14 -8.38 -8.13
C ILE A 17 -8.82 -7.61 -6.85
N LEU A 18 -9.85 -7.39 -6.03
CA LEU A 18 -9.65 -6.66 -4.78
C LEU A 18 -8.61 -7.34 -3.92
N THR A 19 -8.66 -8.66 -3.85
CA THR A 19 -7.70 -9.42 -3.06
C THR A 19 -6.29 -9.21 -3.59
N LEU A 20 -6.11 -9.42 -4.90
CA LEU A 20 -4.81 -9.24 -5.52
C LEU A 20 -4.31 -7.81 -5.32
N SER A 21 -5.22 -6.85 -5.49
CA SER A 21 -4.86 -5.45 -5.33
C SER A 21 -4.45 -5.15 -3.89
N LEU A 22 -5.29 -5.57 -2.95
CA LEU A 22 -5.01 -5.34 -1.54
C LEU A 22 -3.62 -5.86 -1.18
N ILE A 23 -3.24 -7.00 -1.76
CA ILE A 23 -1.94 -7.58 -1.50
C ILE A 23 -0.83 -6.63 -1.91
N LEU A 24 -0.78 -6.30 -3.20
CA LEU A 24 0.25 -5.41 -3.71
C LEU A 24 0.19 -4.08 -3.00
N VAL A 25 -1.01 -3.64 -2.67
CA VAL A 25 -1.19 -2.36 -1.98
C VAL A 25 -0.50 -2.40 -0.61
N LEU A 26 -0.83 -3.42 0.18
CA LEU A 26 -0.24 -3.55 1.50
C LEU A 26 1.28 -3.69 1.40
N ILE A 27 1.74 -4.56 0.53
CA ILE A 27 3.17 -4.76 0.35
C ILE A 27 3.84 -3.48 -0.08
N SER A 28 3.33 -2.87 -1.14
CA SER A 28 3.89 -1.62 -1.65
C SER A 28 3.96 -0.58 -0.54
N LEU A 29 2.90 -0.50 0.27
CA LEU A 29 2.86 0.45 1.37
C LEU A 29 3.99 0.20 2.35
N LEU A 30 4.20 -1.07 2.69
CA LEU A 30 5.26 -1.43 3.63
C LEU A 30 6.63 -1.15 3.02
N LEU A 31 6.76 -1.38 1.71
CA LEU A 31 8.02 -1.13 1.03
C LEU A 31 8.43 0.33 1.13
N THR A 32 7.45 1.22 0.94
CA THR A 32 7.72 2.65 1.02
C THR A 32 8.03 3.05 2.45
N VAL A 33 7.28 2.49 3.40
CA VAL A 33 7.48 2.81 4.81
C VAL A 33 8.92 2.55 5.22
N LEU A 34 9.46 1.40 4.79
CA LEU A 34 10.83 1.04 5.12
C LEU A 34 11.82 2.03 4.54
N ALA A 35 11.68 2.31 3.24
CA ALA A 35 12.57 3.24 2.57
C ALA A 35 12.49 4.61 3.24
N LEU A 36 11.31 4.93 3.74
CA LEU A 36 11.10 6.21 4.40
C LEU A 36 11.88 6.28 5.70
N LEU A 37 11.69 5.29 6.55
CA LEU A 37 12.39 5.23 7.83
C LEU A 37 13.90 5.22 7.62
N SER A 38 14.33 4.43 6.63
CA SER A 38 15.76 4.34 6.33
C SER A 38 16.32 5.70 5.95
N HIS A 39 15.63 6.41 5.07
CA HIS A 39 16.09 7.72 4.63
C HIS A 39 16.23 8.65 5.83
N ARG A 40 15.28 8.56 6.76
CA ARG A 40 15.32 9.41 7.95
C ARG A 40 16.50 9.03 8.84
N ARG A 41 16.74 7.74 9.00
CA ARG A 41 17.83 7.25 9.82
C ARG A 41 19.17 7.74 9.28
N THR A 42 19.29 7.73 7.95
CA THR A 42 20.52 8.17 7.30
C THR A 42 20.79 9.64 7.59
N LEU A 43 19.75 10.45 7.45
CA LEU A 43 19.87 11.88 7.69
C LEU A 43 20.35 12.14 9.12
N GLN A 44 19.82 11.39 10.07
CA GLN A 44 20.19 11.54 11.47
C GLN A 44 21.66 11.15 11.67
N GLN A 45 22.06 10.05 11.05
CA GLN A 45 23.43 9.58 11.17
C GLN A 45 24.41 10.60 10.60
N LYS A 46 23.98 11.30 9.56
CA LYS A 46 24.83 12.31 8.93
C LYS A 46 24.94 13.55 9.82
N ILE A 47 23.85 13.89 10.50
CA ILE A 47 23.83 15.04 11.39
C ILE A 47 24.54 14.73 12.71
N TRP A 48 24.42 13.47 13.15
CA TRP A 48 25.06 13.06 14.38
C TRP A 48 25.77 11.71 14.20
N PRO A 49 26.89 11.72 13.53
CA PRO A 49 27.68 10.48 13.28
C PRO A 49 27.92 9.67 14.55
N MET A 1 -13.50 13.72 -9.92
CA MET A 1 -13.38 12.25 -10.13
C MET A 1 -14.67 11.71 -10.74
N SER A 2 -15.79 12.08 -10.14
CA SER A 2 -17.09 11.62 -10.63
C SER A 2 -17.25 10.12 -10.45
N GLU A 3 -16.30 9.52 -9.72
CA GLU A 3 -16.31 8.07 -9.47
C GLU A 3 -17.73 7.51 -9.64
N PRO A 4 -18.07 7.13 -10.85
CA PRO A 4 -19.42 6.57 -11.16
C PRO A 4 -19.77 5.38 -10.27
N ALA A 5 -20.96 5.40 -9.69
CA ALA A 5 -21.40 4.32 -8.82
C ALA A 5 -21.40 2.98 -9.57
N SER A 6 -21.13 3.06 -10.87
CA SER A 6 -21.10 1.85 -11.70
C SER A 6 -19.86 1.03 -11.39
N LEU A 7 -18.81 1.69 -10.90
CA LEU A 7 -17.56 1.01 -10.58
C LEU A 7 -17.81 -0.06 -9.54
N LEU A 8 -18.46 0.31 -8.44
CA LEU A 8 -18.73 -0.63 -7.37
C LEU A 8 -19.78 -1.64 -7.81
N THR A 9 -20.80 -1.15 -8.51
CA THR A 9 -21.87 -2.02 -8.98
C THR A 9 -21.33 -3.08 -9.94
N ALA A 10 -20.18 -2.79 -10.54
CA ALA A 10 -19.56 -3.72 -11.47
C ALA A 10 -18.58 -4.64 -10.76
N SER A 11 -18.05 -4.15 -9.65
CA SER A 11 -17.10 -4.94 -8.85
C SER A 11 -17.82 -5.73 -7.77
N ASP A 12 -19.10 -5.50 -7.63
CA ASP A 12 -19.91 -6.20 -6.63
C ASP A 12 -20.17 -7.63 -7.06
N LEU A 13 -19.43 -8.09 -8.06
CA LEU A 13 -19.59 -9.46 -8.55
C LEU A 13 -18.23 -10.10 -8.80
N ASP A 14 -17.17 -9.40 -8.41
CA ASP A 14 -15.82 -9.93 -8.59
C ASP A 14 -14.86 -9.28 -7.59
N PRO A 15 -14.82 -9.78 -6.38
CA PRO A 15 -13.93 -9.25 -5.31
C PRO A 15 -12.51 -9.77 -5.43
N LEU A 16 -12.28 -10.62 -6.43
CA LEU A 16 -10.95 -11.19 -6.64
C LEU A 16 -9.93 -10.09 -6.88
N ILE A 17 -10.32 -9.10 -7.67
CA ILE A 17 -9.43 -7.99 -7.99
C ILE A 17 -9.06 -7.22 -6.72
N LEU A 18 -10.04 -7.03 -5.84
CA LEU A 18 -9.81 -6.32 -4.59
C LEU A 18 -8.75 -7.02 -3.75
N THR A 19 -8.82 -8.34 -3.71
CA THR A 19 -7.86 -9.12 -2.94
C THR A 19 -6.46 -8.97 -3.53
N LEU A 20 -6.35 -9.11 -4.84
CA LEU A 20 -5.07 -8.99 -5.52
C LEU A 20 -4.48 -7.61 -5.29
N SER A 21 -5.32 -6.58 -5.37
CA SER A 21 -4.86 -5.22 -5.18
C SER A 21 -4.45 -5.00 -3.73
N LEU A 22 -5.31 -5.39 -2.80
CA LEU A 22 -5.02 -5.24 -1.38
C LEU A 22 -3.66 -5.83 -1.04
N ILE A 23 -3.34 -6.97 -1.64
CA ILE A 23 -2.07 -7.63 -1.39
C ILE A 23 -0.91 -6.75 -1.83
N LEU A 24 -0.86 -6.44 -3.12
CA LEU A 24 0.22 -5.62 -3.66
C LEU A 24 0.25 -4.26 -2.98
N VAL A 25 -0.93 -3.79 -2.58
CA VAL A 25 -1.03 -2.50 -1.92
C VAL A 25 -0.32 -2.54 -0.56
N LEU A 26 -0.67 -3.52 0.26
CA LEU A 26 -0.06 -3.65 1.57
C LEU A 26 1.45 -3.82 1.46
N ILE A 27 1.88 -4.69 0.54
CA ILE A 27 3.30 -4.92 0.34
C ILE A 27 4.00 -3.65 -0.14
N SER A 28 3.44 -3.04 -1.17
CA SER A 28 4.02 -1.81 -1.72
C SER A 28 4.16 -0.75 -0.62
N LEU A 29 3.12 -0.61 0.19
CA LEU A 29 3.14 0.37 1.27
C LEU A 29 4.31 0.10 2.22
N LEU A 30 4.46 -1.14 2.62
CA LEU A 30 5.54 -1.52 3.53
C LEU A 30 6.89 -1.23 2.90
N LEU A 31 7.04 -1.58 1.62
CA LEU A 31 8.29 -1.36 0.91
C LEU A 31 8.66 0.12 0.94
N THR A 32 7.65 0.99 0.77
CA THR A 32 7.88 2.42 0.78
C THR A 32 8.25 2.90 2.18
N VAL A 33 7.51 2.41 3.18
CA VAL A 33 7.78 2.79 4.57
C VAL A 33 9.22 2.47 4.94
N LEU A 34 9.69 1.28 4.56
CA LEU A 34 11.05 0.88 4.87
C LEU A 34 12.05 1.85 4.28
N ALA A 35 11.91 2.13 2.98
CA ALA A 35 12.81 3.04 2.31
C ALA A 35 12.74 4.42 2.94
N LEU A 36 11.55 4.77 3.43
CA LEU A 36 11.35 6.08 4.06
C LEU A 36 12.07 6.13 5.41
N LEU A 37 11.94 5.06 6.17
CA LEU A 37 12.57 5.01 7.49
C LEU A 37 14.09 4.96 7.35
N SER A 38 14.57 4.18 6.39
CA SER A 38 16.01 4.06 6.15
C SER A 38 16.62 5.43 5.87
N HIS A 39 15.97 6.20 4.99
CA HIS A 39 16.47 7.52 4.63
C HIS A 39 16.51 8.42 5.87
N ARG A 40 15.47 8.36 6.68
CA ARG A 40 15.41 9.18 7.89
C ARG A 40 16.54 8.80 8.84
N ARG A 41 16.74 7.50 9.03
CA ARG A 41 17.79 7.02 9.92
C ARG A 41 19.15 7.49 9.45
N THR A 42 19.41 7.35 8.16
CA THR A 42 20.69 7.77 7.60
C THR A 42 20.91 9.27 7.81
N LEU A 43 19.88 10.05 7.50
CA LEU A 43 19.96 11.49 7.66
C LEU A 43 20.21 11.86 9.12
N GLN A 44 19.57 11.12 10.02
CA GLN A 44 19.73 11.38 11.44
C GLN A 44 21.19 11.23 11.86
N GLN A 45 21.87 10.22 11.30
CA GLN A 45 23.26 9.98 11.61
C GLN A 45 24.13 11.13 11.11
N LYS A 46 23.87 11.56 9.88
CA LYS A 46 24.64 12.65 9.29
C LYS A 46 24.46 13.93 10.10
N ILE A 47 23.21 14.26 10.43
CA ILE A 47 22.92 15.45 11.19
C ILE A 47 23.51 15.35 12.60
N TRP A 48 23.66 14.12 13.08
CA TRP A 48 24.22 13.89 14.41
C TRP A 48 25.27 12.79 14.36
N PRO A 49 26.44 13.11 13.87
CA PRO A 49 27.57 12.13 13.76
C PRO A 49 27.94 11.54 15.12
N MET A 1 -8.50 13.52 -6.22
CA MET A 1 -7.12 13.33 -6.72
C MET A 1 -7.16 12.66 -8.09
N SER A 2 -8.30 12.77 -8.75
CA SER A 2 -8.46 12.18 -10.08
C SER A 2 -8.19 10.67 -10.02
N GLU A 3 -8.61 10.04 -8.94
CA GLU A 3 -8.43 8.61 -8.78
C GLU A 3 -9.08 7.84 -9.92
N PRO A 4 -8.61 6.64 -10.18
CA PRO A 4 -9.16 5.78 -11.27
C PRO A 4 -10.56 5.27 -10.93
N ALA A 5 -11.41 5.19 -11.94
CA ALA A 5 -12.78 4.70 -11.75
C ALA A 5 -12.78 3.24 -11.35
N SER A 6 -11.61 2.62 -11.39
CA SER A 6 -11.48 1.21 -11.03
C SER A 6 -11.75 1.01 -9.55
N LEU A 7 -11.43 2.01 -8.74
CA LEU A 7 -11.64 1.93 -7.31
C LEU A 7 -13.10 1.59 -7.00
N LEU A 8 -14.01 2.37 -7.57
CA LEU A 8 -15.43 2.15 -7.35
C LEU A 8 -15.88 0.84 -7.99
N THR A 9 -15.47 0.64 -9.24
CA THR A 9 -15.84 -0.57 -9.96
C THR A 9 -15.28 -1.81 -9.26
N ALA A 10 -14.41 -1.58 -8.29
CA ALA A 10 -13.81 -2.68 -7.53
C ALA A 10 -14.36 -2.74 -6.12
N SER A 11 -15.38 -1.94 -5.85
CA SER A 11 -15.99 -1.91 -4.53
C SER A 11 -16.32 -3.32 -4.06
N ASP A 12 -17.35 -3.90 -4.65
CA ASP A 12 -17.77 -5.26 -4.29
C ASP A 12 -18.26 -6.02 -5.52
N LEU A 13 -17.80 -5.60 -6.68
CA LEU A 13 -18.21 -6.25 -7.93
C LEU A 13 -17.23 -7.35 -8.30
N ASP A 14 -15.97 -7.19 -7.87
CA ASP A 14 -14.95 -8.19 -8.18
C ASP A 14 -14.02 -8.37 -6.97
N PRO A 15 -14.42 -9.20 -6.03
CA PRO A 15 -13.62 -9.49 -4.82
C PRO A 15 -12.21 -9.97 -5.16
N LEU A 16 -12.10 -10.72 -6.25
CA LEU A 16 -10.81 -11.24 -6.68
C LEU A 16 -9.81 -10.11 -6.88
N ILE A 17 -10.19 -9.14 -7.70
CA ILE A 17 -9.32 -8.00 -7.98
C ILE A 17 -8.98 -7.28 -6.68
N LEU A 18 -9.96 -7.18 -5.78
CA LEU A 18 -9.75 -6.51 -4.51
C LEU A 18 -8.68 -7.23 -3.70
N THR A 19 -8.74 -8.55 -3.69
CA THR A 19 -7.76 -9.34 -2.94
C THR A 19 -6.36 -9.10 -3.47
N LEU A 20 -6.18 -9.26 -4.78
CA LEU A 20 -4.87 -9.04 -5.39
C LEU A 20 -4.41 -7.61 -5.22
N SER A 21 -5.36 -6.68 -5.34
CA SER A 21 -5.04 -5.26 -5.19
C SER A 21 -4.55 -4.97 -3.78
N LEU A 22 -5.32 -5.41 -2.79
CA LEU A 22 -4.96 -5.19 -1.39
C LEU A 22 -3.58 -5.76 -1.11
N ILE A 23 -3.25 -6.87 -1.75
CA ILE A 23 -1.96 -7.51 -1.55
C ILE A 23 -0.83 -6.59 -2.03
N LEU A 24 -0.83 -6.28 -3.32
CA LEU A 24 0.20 -5.43 -3.89
C LEU A 24 0.22 -4.07 -3.19
N VAL A 25 -0.96 -3.60 -2.80
CA VAL A 25 -1.07 -2.32 -2.11
C VAL A 25 -0.30 -2.35 -0.79
N LEU A 26 -0.58 -3.35 0.03
CA LEU A 26 0.09 -3.48 1.31
C LEU A 26 1.59 -3.72 1.11
N ILE A 27 1.92 -4.59 0.17
CA ILE A 27 3.32 -4.90 -0.12
C ILE A 27 4.07 -3.64 -0.52
N SER A 28 3.54 -2.93 -1.51
CA SER A 28 4.17 -1.71 -1.99
C SER A 28 4.27 -0.68 -0.86
N LEU A 29 3.25 -0.63 -0.01
CA LEU A 29 3.26 0.30 1.11
C LEU A 29 4.33 -0.06 2.12
N LEU A 30 4.38 -1.34 2.48
CA LEU A 30 5.38 -1.81 3.44
C LEU A 30 6.78 -1.49 2.95
N LEU A 31 6.99 -1.60 1.64
CA LEU A 31 8.30 -1.32 1.06
C LEU A 31 8.64 0.16 1.20
N THR A 32 7.68 1.01 0.87
CA THR A 32 7.89 2.46 0.97
C THR A 32 8.08 2.86 2.42
N VAL A 33 7.33 2.23 3.32
CA VAL A 33 7.42 2.55 4.74
C VAL A 33 8.85 2.33 5.24
N LEU A 34 9.42 1.18 4.92
CA LEU A 34 10.77 0.87 5.35
C LEU A 34 11.77 1.85 4.76
N ALA A 35 11.71 2.03 3.45
CA ALA A 35 12.62 2.96 2.77
C ALA A 35 12.52 4.35 3.38
N LEU A 36 11.32 4.69 3.86
CA LEU A 36 11.11 6.01 4.47
C LEU A 36 11.85 6.12 5.80
N LEU A 37 11.66 5.12 6.65
CA LEU A 37 12.31 5.11 7.96
C LEU A 37 13.83 5.08 7.80
N SER A 38 14.31 4.27 6.86
CA SER A 38 15.74 4.14 6.63
C SER A 38 16.32 5.48 6.17
N HIS A 39 15.64 6.12 5.22
CA HIS A 39 16.10 7.41 4.70
C HIS A 39 16.26 8.42 5.83
N ARG A 40 15.23 8.55 6.66
CA ARG A 40 15.27 9.49 7.77
C ARG A 40 16.36 9.09 8.76
N ARG A 41 16.61 7.80 8.89
CA ARG A 41 17.64 7.30 9.80
C ARG A 41 19.02 7.72 9.32
N THR A 42 19.26 7.58 8.02
CA THR A 42 20.55 7.95 7.44
C THR A 42 20.83 9.43 7.68
N LEU A 43 19.82 10.26 7.46
CA LEU A 43 19.97 11.70 7.66
C LEU A 43 20.38 12.00 9.10
N GLN A 44 19.77 11.29 10.05
CA GLN A 44 20.08 11.49 11.46
C GLN A 44 21.57 11.28 11.71
N GLN A 45 22.11 10.17 11.19
CA GLN A 45 23.53 9.88 11.36
C GLN A 45 24.38 10.97 10.74
N LYS A 46 23.95 11.48 9.58
CA LYS A 46 24.69 12.53 8.90
C LYS A 46 24.68 13.81 9.72
N ILE A 47 23.54 14.11 10.32
CA ILE A 47 23.41 15.31 11.14
C ILE A 47 24.11 15.14 12.47
N TRP A 48 24.12 13.91 12.98
CA TRP A 48 24.77 13.63 14.26
C TRP A 48 25.47 12.27 14.21
N PRO A 49 26.55 12.19 13.48
CA PRO A 49 27.34 10.94 13.33
C PRO A 49 28.21 10.66 14.55
N MET A 1 -14.76 -5.50 11.32
CA MET A 1 -15.25 -4.54 10.29
C MET A 1 -16.55 -3.91 10.77
N SER A 2 -17.00 -2.87 10.07
CA SER A 2 -18.22 -2.19 10.43
C SER A 2 -18.88 -1.56 9.21
N GLU A 3 -18.56 -2.11 8.03
CA GLU A 3 -19.12 -1.60 6.79
C GLU A 3 -20.25 -2.49 6.31
N PRO A 4 -21.17 -1.95 5.55
CA PRO A 4 -22.33 -2.72 5.00
C PRO A 4 -21.89 -3.79 4.00
N ALA A 5 -22.41 -5.00 4.18
CA ALA A 5 -22.07 -6.10 3.29
C ALA A 5 -22.43 -5.76 1.85
N SER A 6 -23.05 -4.61 1.66
CA SER A 6 -23.44 -4.17 0.32
C SER A 6 -22.24 -4.16 -0.61
N LEU A 7 -21.11 -3.67 -0.13
CA LEU A 7 -19.91 -3.61 -0.93
C LEU A 7 -19.61 -4.97 -1.55
N LEU A 8 -19.60 -5.99 -0.72
CA LEU A 8 -19.32 -7.35 -1.21
C LEU A 8 -20.48 -7.86 -2.04
N THR A 9 -21.69 -7.44 -1.68
CA THR A 9 -22.88 -7.87 -2.39
C THR A 9 -22.88 -7.35 -3.83
N ALA A 10 -22.08 -6.32 -4.06
CA ALA A 10 -21.97 -5.73 -5.39
C ALA A 10 -20.65 -6.10 -6.05
N SER A 11 -19.67 -6.44 -5.23
CA SER A 11 -18.36 -6.84 -5.73
C SER A 11 -18.26 -8.34 -5.88
N ASP A 12 -19.33 -9.04 -5.51
CA ASP A 12 -19.35 -10.49 -5.61
C ASP A 12 -19.23 -10.95 -7.05
N LEU A 13 -18.91 -10.02 -7.94
CA LEU A 13 -18.75 -10.32 -9.36
C LEU A 13 -17.32 -10.75 -9.65
N ASP A 14 -16.38 -10.25 -8.87
CA ASP A 14 -14.98 -10.60 -9.06
C ASP A 14 -14.14 -10.07 -7.89
N PRO A 15 -14.12 -10.79 -6.79
CA PRO A 15 -13.34 -10.40 -5.58
C PRO A 15 -11.87 -10.79 -5.70
N LEU A 16 -11.56 -11.58 -6.73
CA LEU A 16 -10.19 -12.01 -6.94
C LEU A 16 -9.27 -10.83 -7.23
N ILE A 17 -9.81 -9.84 -7.91
CA ILE A 17 -9.04 -8.64 -8.25
C ILE A 17 -8.76 -7.82 -6.99
N LEU A 18 -9.73 -7.77 -6.09
CA LEU A 18 -9.58 -7.01 -4.86
C LEU A 18 -8.52 -7.64 -3.97
N THR A 19 -8.55 -8.96 -3.87
CA THR A 19 -7.58 -9.67 -3.04
C THR A 19 -6.16 -9.41 -3.55
N LEU A 20 -5.97 -9.53 -4.86
CA LEU A 20 -4.66 -9.31 -5.45
C LEU A 20 -4.24 -7.84 -5.31
N SER A 21 -5.22 -6.95 -5.44
CA SER A 21 -4.95 -5.52 -5.34
C SER A 21 -4.56 -5.17 -3.90
N LEU A 22 -5.35 -5.64 -2.94
CA LEU A 22 -5.08 -5.36 -1.54
C LEU A 22 -3.67 -5.81 -1.16
N ILE A 23 -3.29 -7.01 -1.61
CA ILE A 23 -1.98 -7.54 -1.31
C ILE A 23 -0.89 -6.56 -1.76
N LEU A 24 -0.84 -6.28 -3.05
CA LEU A 24 0.16 -5.37 -3.59
C LEU A 24 0.07 -4.01 -2.91
N VAL A 25 -1.14 -3.61 -2.60
CA VAL A 25 -1.36 -2.32 -1.94
C VAL A 25 -0.73 -2.32 -0.55
N LEU A 26 -0.98 -3.37 0.22
CA LEU A 26 -0.43 -3.48 1.57
C LEU A 26 1.10 -3.56 1.52
N ILE A 27 1.62 -4.33 0.57
CA ILE A 27 3.06 -4.47 0.42
C ILE A 27 3.69 -3.16 0.00
N SER A 28 3.10 -2.53 -1.02
CA SER A 28 3.63 -1.26 -1.50
C SER A 28 3.74 -0.24 -0.37
N LEU A 29 2.70 -0.17 0.44
CA LEU A 29 2.69 0.77 1.57
C LEU A 29 3.85 0.48 2.51
N LEU A 30 4.02 -0.78 2.85
CA LEU A 30 5.10 -1.17 3.76
C LEU A 30 6.46 -0.88 3.13
N LEU A 31 6.59 -1.19 1.85
CA LEU A 31 7.85 -0.96 1.15
C LEU A 31 8.21 0.53 1.20
N THR A 32 7.22 1.38 1.05
CA THR A 32 7.45 2.82 1.08
C THR A 32 7.95 3.24 2.46
N VAL A 33 7.25 2.79 3.50
CA VAL A 33 7.63 3.12 4.87
C VAL A 33 9.08 2.74 5.13
N LEU A 34 9.46 1.55 4.69
CA LEU A 34 10.83 1.08 4.89
C LEU A 34 11.83 2.03 4.26
N ALA A 35 11.60 2.36 2.99
CA ALA A 35 12.49 3.28 2.27
C ALA A 35 12.47 4.65 2.93
N LEU A 36 11.32 5.01 3.50
CA LEU A 36 11.18 6.30 4.16
C LEU A 36 11.98 6.33 5.46
N LEU A 37 11.75 5.32 6.30
CA LEU A 37 12.45 5.24 7.57
C LEU A 37 13.96 5.24 7.36
N SER A 38 14.41 4.46 6.39
CA SER A 38 15.83 4.38 6.08
C SER A 38 16.39 5.77 5.78
N HIS A 39 15.68 6.51 4.92
CA HIS A 39 16.13 7.85 4.56
C HIS A 39 16.27 8.73 5.80
N ARG A 40 15.25 8.71 6.65
CA ARG A 40 15.27 9.51 7.87
C ARG A 40 16.46 9.12 8.75
N ARG A 41 16.74 7.83 8.81
CA ARG A 41 17.85 7.34 9.61
C ARG A 41 19.18 7.81 9.03
N THR A 42 19.25 7.86 7.71
CA THR A 42 20.47 8.29 7.02
C THR A 42 20.83 9.72 7.44
N LEU A 43 19.84 10.60 7.42
CA LEU A 43 20.07 11.99 7.80
C LEU A 43 20.45 12.09 9.28
N GLN A 44 19.82 11.28 10.10
CA GLN A 44 20.11 11.27 11.53
C GLN A 44 21.57 10.91 11.78
N GLN A 45 22.04 9.87 11.10
CA GLN A 45 23.41 9.43 11.26
C GLN A 45 24.38 10.51 10.80
N LYS A 46 24.09 11.12 9.66
CA LYS A 46 24.95 12.18 9.13
C LYS A 46 25.04 13.33 10.11
N ILE A 47 23.94 13.62 10.78
CA ILE A 47 23.90 14.72 11.75
C ILE A 47 24.69 14.34 13.00
N TRP A 48 24.67 13.06 13.34
CA TRP A 48 25.39 12.59 14.53
C TRP A 48 25.94 11.19 14.28
N PRO A 49 27.01 11.08 13.54
CA PRO A 49 27.65 9.78 13.23
C PRO A 49 28.54 9.28 14.36
N MET A 1 -34.67 -7.83 -13.75
CA MET A 1 -34.13 -8.95 -14.57
C MET A 1 -34.10 -10.22 -13.73
N SER A 2 -33.47 -11.26 -14.26
CA SER A 2 -33.37 -12.53 -13.54
C SER A 2 -31.93 -13.02 -13.52
N GLU A 3 -31.01 -12.17 -13.97
CA GLU A 3 -29.61 -12.52 -13.99
C GLU A 3 -28.99 -12.41 -12.59
N PRO A 4 -27.96 -13.15 -12.32
CA PRO A 4 -27.28 -13.13 -10.99
C PRO A 4 -26.55 -11.81 -10.75
N ALA A 5 -26.72 -11.25 -9.55
CA ALA A 5 -26.08 -10.00 -9.20
C ALA A 5 -24.56 -10.14 -9.22
N SER A 6 -24.10 -11.35 -9.44
CA SER A 6 -22.65 -11.61 -9.49
C SER A 6 -22.06 -11.07 -10.79
N LEU A 7 -22.89 -10.98 -11.82
CA LEU A 7 -22.43 -10.48 -13.11
C LEU A 7 -21.89 -9.06 -12.98
N LEU A 8 -22.60 -8.23 -12.23
CA LEU A 8 -22.17 -6.84 -12.03
C LEU A 8 -21.03 -6.78 -11.02
N THR A 9 -21.15 -7.55 -9.96
CA THR A 9 -20.13 -7.57 -8.93
C THR A 9 -18.78 -7.99 -9.51
N ALA A 10 -18.83 -8.68 -10.63
CA ALA A 10 -17.61 -9.14 -11.30
C ALA A 10 -17.36 -8.32 -12.56
N SER A 11 -18.09 -7.23 -12.71
CA SER A 11 -17.94 -6.37 -13.88
C SER A 11 -16.47 -6.01 -14.10
N ASP A 12 -15.93 -5.24 -13.17
CA ASP A 12 -14.53 -4.82 -13.26
C ASP A 12 -13.89 -4.75 -11.87
N LEU A 13 -14.50 -5.45 -10.92
CA LEU A 13 -13.97 -5.46 -9.56
C LEU A 13 -14.12 -6.85 -8.93
N ASP A 14 -13.90 -7.88 -9.75
CA ASP A 14 -14.02 -9.25 -9.26
C ASP A 14 -13.15 -9.46 -8.02
N PRO A 15 -13.42 -10.49 -7.26
CA PRO A 15 -12.65 -10.81 -6.03
C PRO A 15 -11.20 -11.18 -6.33
N LEU A 16 -10.99 -11.75 -7.51
CA LEU A 16 -9.65 -12.16 -7.90
C LEU A 16 -8.69 -10.97 -7.93
N ILE A 17 -9.09 -9.93 -8.66
CA ILE A 17 -8.27 -8.73 -8.76
C ILE A 17 -8.17 -8.05 -7.40
N LEU A 18 -9.26 -8.07 -6.64
CA LEU A 18 -9.28 -7.44 -5.33
C LEU A 18 -8.20 -8.04 -4.43
N THR A 19 -8.10 -9.37 -4.43
CA THR A 19 -7.11 -10.05 -3.61
C THR A 19 -5.70 -9.63 -4.00
N LEU A 20 -5.40 -9.67 -5.30
CA LEU A 20 -4.07 -9.29 -5.76
C LEU A 20 -3.81 -7.82 -5.47
N SER A 21 -4.85 -7.00 -5.59
CA SER A 21 -4.72 -5.57 -5.34
C SER A 21 -4.45 -5.31 -3.86
N LEU A 22 -5.23 -5.95 -3.01
CA LEU A 22 -5.06 -5.78 -1.57
C LEU A 22 -3.62 -6.00 -1.16
N ILE A 23 -3.03 -7.06 -1.67
CA ILE A 23 -1.63 -7.37 -1.36
C ILE A 23 -0.71 -6.25 -1.82
N LEU A 24 -0.83 -5.90 -3.10
CA LEU A 24 0.01 -4.85 -3.67
C LEU A 24 -0.14 -3.56 -2.90
N VAL A 25 -1.33 -3.34 -2.35
CA VAL A 25 -1.59 -2.13 -1.57
C VAL A 25 -1.00 -2.25 -0.18
N LEU A 26 -1.23 -3.39 0.46
CA LEU A 26 -0.71 -3.62 1.81
C LEU A 26 0.82 -3.54 1.82
N ILE A 27 1.45 -4.25 0.88
CA ILE A 27 2.89 -4.25 0.80
C ILE A 27 3.41 -2.88 0.39
N SER A 28 2.76 -2.28 -0.60
CA SER A 28 3.17 -0.96 -1.07
C SER A 28 3.24 0.02 0.10
N LEU A 29 2.21 0.00 0.94
CA LEU A 29 2.17 0.90 2.09
C LEU A 29 3.35 0.66 3.01
N LEU A 30 3.61 -0.60 3.32
CA LEU A 30 4.72 -0.94 4.20
C LEU A 30 6.04 -0.53 3.56
N LEU A 31 6.18 -0.78 2.26
CA LEU A 31 7.40 -0.42 1.56
C LEU A 31 7.71 1.06 1.72
N THR A 32 6.68 1.89 1.61
CA THR A 32 6.86 3.33 1.75
C THR A 32 7.38 3.67 3.13
N VAL A 33 6.72 3.15 4.16
CA VAL A 33 7.14 3.41 5.54
C VAL A 33 8.59 3.01 5.75
N LEU A 34 8.95 1.83 5.24
CA LEU A 34 10.32 1.34 5.37
C LEU A 34 11.30 2.29 4.71
N ALA A 35 11.02 2.65 3.46
CA ALA A 35 11.89 3.56 2.73
C ALA A 35 11.99 4.90 3.45
N LEU A 36 10.91 5.26 4.14
CA LEU A 36 10.87 6.52 4.87
C LEU A 36 11.86 6.49 6.04
N LEU A 37 11.79 5.43 6.84
CA LEU A 37 12.67 5.28 7.97
C LEU A 37 14.12 5.15 7.52
N SER A 38 14.33 4.38 6.46
CA SER A 38 15.68 4.18 5.93
C SER A 38 16.33 5.52 5.61
N HIS A 39 15.58 6.37 4.91
CA HIS A 39 16.09 7.69 4.55
C HIS A 39 16.30 8.55 5.79
N ARG A 40 15.35 8.48 6.71
CA ARG A 40 15.43 9.25 7.95
C ARG A 40 16.66 8.85 8.75
N ARG A 41 16.92 7.55 8.83
CA ARG A 41 18.07 7.05 9.56
C ARG A 41 19.37 7.55 8.93
N THR A 42 19.47 7.42 7.61
CA THR A 42 20.66 7.85 6.90
C THR A 42 20.97 9.31 7.23
N LEU A 43 19.93 10.14 7.26
CA LEU A 43 20.10 11.56 7.55
C LEU A 43 20.65 11.73 8.97
N GLN A 44 19.99 11.10 9.94
CA GLN A 44 20.41 11.20 11.33
C GLN A 44 21.86 10.76 11.47
N GLN A 45 22.23 9.71 10.75
CA GLN A 45 23.60 9.19 10.80
C GLN A 45 24.57 10.20 10.24
N LYS A 46 24.19 10.87 9.16
CA LYS A 46 25.05 11.86 8.52
C LYS A 46 25.18 13.10 9.40
N ILE A 47 24.10 13.45 10.08
CA ILE A 47 24.11 14.62 10.96
C ILE A 47 25.00 14.38 12.16
N TRP A 48 24.95 13.17 12.69
CA TRP A 48 25.76 12.81 13.85
C TRP A 48 26.52 11.52 13.60
N PRO A 49 27.58 11.58 12.83
CA PRO A 49 28.41 10.40 12.51
C PRO A 49 28.84 9.63 13.75
N MET A 1 -18.52 4.87 -23.21
CA MET A 1 -18.82 3.48 -22.76
C MET A 1 -20.18 3.05 -23.28
N SER A 2 -20.91 4.01 -23.86
CA SER A 2 -22.23 3.72 -24.39
C SER A 2 -23.05 2.91 -23.40
N GLU A 3 -22.60 2.89 -22.15
CA GLU A 3 -23.31 2.15 -21.11
C GLU A 3 -23.14 2.82 -19.75
N PRO A 4 -24.07 2.59 -18.85
CA PRO A 4 -24.02 3.20 -17.48
C PRO A 4 -22.84 2.67 -16.66
N ALA A 5 -22.22 3.56 -15.89
CA ALA A 5 -21.08 3.18 -15.07
C ALA A 5 -21.50 2.18 -14.01
N SER A 6 -22.80 1.90 -13.95
CA SER A 6 -23.33 0.96 -12.96
C SER A 6 -22.72 -0.42 -13.17
N LEU A 7 -22.49 -0.79 -14.43
CA LEU A 7 -21.92 -2.10 -14.74
C LEU A 7 -20.66 -2.35 -13.93
N LEU A 8 -19.72 -1.42 -14.01
CA LEU A 8 -18.47 -1.56 -13.27
C LEU A 8 -18.71 -1.42 -11.77
N THR A 9 -19.62 -0.52 -11.43
CA THR A 9 -19.94 -0.27 -10.02
C THR A 9 -20.59 -1.50 -9.39
N ALA A 10 -21.03 -2.42 -10.25
CA ALA A 10 -21.67 -3.64 -9.77
C ALA A 10 -20.67 -4.79 -9.72
N SER A 11 -19.74 -4.78 -10.65
CA SER A 11 -18.72 -5.82 -10.72
C SER A 11 -17.49 -5.43 -9.91
N ASP A 12 -17.54 -4.23 -9.33
CA ASP A 12 -16.42 -3.74 -8.52
C ASP A 12 -16.18 -4.64 -7.31
N LEU A 13 -16.97 -5.70 -7.22
CA LEU A 13 -16.83 -6.64 -6.10
C LEU A 13 -15.80 -7.70 -6.43
N ASP A 14 -15.53 -7.87 -7.72
CA ASP A 14 -14.56 -8.87 -8.20
C ASP A 14 -13.56 -9.20 -7.09
N PRO A 15 -13.86 -10.17 -6.26
CA PRO A 15 -12.98 -10.56 -5.11
C PRO A 15 -11.56 -10.88 -5.56
N LEU A 16 -11.43 -11.43 -6.77
CA LEU A 16 -10.11 -11.78 -7.30
C LEU A 16 -9.23 -10.55 -7.42
N ILE A 17 -9.74 -9.53 -8.11
CA ILE A 17 -8.99 -8.30 -8.29
C ILE A 17 -8.75 -7.60 -6.96
N LEU A 18 -9.72 -7.73 -6.06
CA LEU A 18 -9.62 -7.11 -4.74
C LEU A 18 -8.42 -7.67 -3.98
N THR A 19 -8.29 -8.98 -3.97
CA THR A 19 -7.19 -9.63 -3.27
C THR A 19 -5.86 -9.14 -3.81
N LEU A 20 -5.73 -9.15 -5.13
CA LEU A 20 -4.50 -8.71 -5.78
C LEU A 20 -4.25 -7.23 -5.49
N SER A 21 -5.31 -6.44 -5.54
CA SER A 21 -5.19 -5.01 -5.28
C SER A 21 -4.73 -4.76 -3.85
N LEU A 22 -5.48 -5.33 -2.90
CA LEU A 22 -5.13 -5.17 -1.49
C LEU A 22 -3.70 -5.61 -1.22
N ILE A 23 -3.29 -6.69 -1.88
CA ILE A 23 -1.94 -7.20 -1.70
C ILE A 23 -0.91 -6.17 -2.15
N LEU A 24 -0.95 -5.81 -3.43
CA LEU A 24 -0.02 -4.83 -3.98
C LEU A 24 -0.05 -3.54 -3.17
N VAL A 25 -1.18 -3.27 -2.53
CA VAL A 25 -1.31 -2.07 -1.73
C VAL A 25 -0.62 -2.24 -0.38
N LEU A 26 -0.95 -3.33 0.31
CA LEU A 26 -0.35 -3.60 1.62
C LEU A 26 1.16 -3.66 1.53
N ILE A 27 1.67 -4.49 0.63
CA ILE A 27 3.11 -4.65 0.46
C ILE A 27 3.76 -3.33 0.05
N SER A 28 3.16 -2.67 -0.94
CA SER A 28 3.69 -1.39 -1.42
C SER A 28 3.82 -0.40 -0.26
N LEU A 29 2.80 -0.36 0.59
CA LEU A 29 2.81 0.55 1.73
C LEU A 29 3.94 0.22 2.69
N LEU A 30 4.08 -1.05 3.00
CA LEU A 30 5.14 -1.49 3.92
C LEU A 30 6.50 -1.20 3.33
N LEU A 31 6.68 -1.50 2.05
CA LEU A 31 7.95 -1.26 1.38
C LEU A 31 8.34 0.21 1.49
N THR A 32 7.38 1.09 1.25
CA THR A 32 7.63 2.52 1.33
C THR A 32 8.03 2.93 2.74
N VAL A 33 7.29 2.44 3.72
CA VAL A 33 7.57 2.76 5.12
C VAL A 33 9.01 2.42 5.47
N LEU A 34 9.46 1.24 5.05
CA LEU A 34 10.82 0.80 5.34
C LEU A 34 11.83 1.76 4.74
N ALA A 35 11.67 2.05 3.46
CA ALA A 35 12.58 2.96 2.77
C ALA A 35 12.53 4.33 3.43
N LEU A 36 11.35 4.67 3.94
CA LEU A 36 11.16 5.97 4.58
C LEU A 36 11.95 6.05 5.88
N LEU A 37 11.85 5.01 6.70
CA LEU A 37 12.57 4.98 7.97
C LEU A 37 14.07 4.88 7.73
N SER A 38 14.47 4.01 6.81
CA SER A 38 15.87 3.82 6.49
C SER A 38 16.49 5.14 6.01
N HIS A 39 15.78 5.84 5.15
CA HIS A 39 16.28 7.11 4.62
C HIS A 39 16.37 8.14 5.74
N ARG A 40 15.31 8.26 6.54
CA ARG A 40 15.29 9.21 7.63
C ARG A 40 16.44 8.94 8.60
N ARG A 41 16.75 7.67 8.79
CA ARG A 41 17.84 7.29 9.69
C ARG A 41 19.18 7.76 9.14
N THR A 42 19.40 7.55 7.86
CA THR A 42 20.65 7.96 7.22
C THR A 42 20.86 9.46 7.39
N LEU A 43 19.78 10.22 7.26
CA LEU A 43 19.87 11.67 7.40
C LEU A 43 20.26 12.06 8.82
N GLN A 44 19.61 11.44 9.81
CA GLN A 44 19.89 11.74 11.20
C GLN A 44 21.34 11.36 11.54
N GLN A 45 21.78 10.22 11.03
CA GLN A 45 23.14 9.75 11.28
C GLN A 45 24.16 10.67 10.61
N LYS A 46 23.74 11.33 9.54
CA LYS A 46 24.62 12.23 8.81
C LYS A 46 24.85 13.52 9.59
N ILE A 47 23.76 14.08 10.12
CA ILE A 47 23.84 15.32 10.89
C ILE A 47 24.61 15.10 12.19
N TRP A 48 24.40 13.94 12.80
CA TRP A 48 25.08 13.62 14.06
C TRP A 48 25.65 12.20 14.01
N PRO A 49 26.73 12.02 13.30
CA PRO A 49 27.40 10.70 13.16
C PRO A 49 28.29 10.38 14.35
N MET A 1 -32.72 -1.28 -18.33
CA MET A 1 -31.49 -1.96 -18.81
C MET A 1 -31.53 -3.43 -18.40
N SER A 2 -30.44 -4.15 -18.64
CA SER A 2 -30.36 -5.56 -18.30
C SER A 2 -28.91 -6.05 -18.39
N GLU A 3 -27.99 -5.12 -18.63
CA GLU A 3 -26.58 -5.48 -18.74
C GLU A 3 -25.71 -4.22 -18.78
N PRO A 4 -25.86 -3.38 -17.80
CA PRO A 4 -25.08 -2.12 -17.70
C PRO A 4 -23.59 -2.37 -17.46
N ALA A 5 -22.76 -1.40 -17.83
CA ALA A 5 -21.32 -1.52 -17.64
C ALA A 5 -21.00 -1.84 -16.18
N SER A 6 -22.03 -1.86 -15.34
CA SER A 6 -21.84 -2.15 -13.92
C SER A 6 -21.02 -3.43 -13.74
N LEU A 7 -21.33 -4.44 -14.54
CA LEU A 7 -20.62 -5.71 -14.47
C LEU A 7 -19.18 -5.54 -14.95
N LEU A 8 -19.02 -4.99 -16.14
CA LEU A 8 -17.69 -4.77 -16.70
C LEU A 8 -16.89 -3.83 -15.82
N THR A 9 -17.56 -3.22 -14.85
CA THR A 9 -16.89 -2.29 -13.94
C THR A 9 -16.56 -2.97 -12.62
N ALA A 10 -17.48 -3.81 -12.15
CA ALA A 10 -17.27 -4.52 -10.89
C ALA A 10 -16.13 -5.54 -11.03
N SER A 11 -15.90 -5.99 -12.25
CA SER A 11 -14.84 -6.96 -12.50
C SER A 11 -13.48 -6.34 -12.24
N ASP A 12 -13.46 -5.04 -11.92
CA ASP A 12 -12.22 -4.34 -11.65
C ASP A 12 -12.03 -4.13 -10.15
N LEU A 13 -13.02 -4.54 -9.38
CA LEU A 13 -12.96 -4.40 -7.92
C LEU A 13 -13.62 -5.59 -7.24
N ASP A 14 -13.85 -6.66 -8.00
CA ASP A 14 -14.47 -7.85 -7.46
C ASP A 14 -13.64 -8.42 -6.32
N PRO A 15 -14.24 -9.27 -5.52
CA PRO A 15 -13.55 -9.91 -4.36
C PRO A 15 -12.15 -10.40 -4.71
N LEU A 16 -12.05 -11.22 -5.75
CA LEU A 16 -10.77 -11.75 -6.18
C LEU A 16 -9.80 -10.62 -6.50
N ILE A 17 -10.23 -9.70 -7.35
CA ILE A 17 -9.39 -8.57 -7.73
C ILE A 17 -9.00 -7.75 -6.50
N LEU A 18 -9.96 -7.57 -5.59
CA LEU A 18 -9.70 -6.81 -4.38
C LEU A 18 -8.58 -7.45 -3.56
N THR A 19 -8.63 -8.77 -3.43
CA THR A 19 -7.61 -9.49 -2.68
C THR A 19 -6.23 -9.25 -3.28
N LEU A 20 -6.12 -9.41 -4.59
CA LEU A 20 -4.85 -9.20 -5.27
C LEU A 20 -4.40 -7.74 -5.15
N SER A 21 -5.35 -6.83 -5.30
CA SER A 21 -5.05 -5.41 -5.20
C SER A 21 -4.55 -5.05 -3.80
N LEU A 22 -5.28 -5.50 -2.79
CA LEU A 22 -4.89 -5.22 -1.41
C LEU A 22 -3.48 -5.70 -1.14
N ILE A 23 -3.13 -6.84 -1.72
CA ILE A 23 -1.79 -7.40 -1.53
C ILE A 23 -0.74 -6.42 -2.05
N LEU A 24 -0.81 -6.10 -3.33
CA LEU A 24 0.14 -5.19 -3.94
C LEU A 24 0.12 -3.83 -3.23
N VAL A 25 -1.04 -3.47 -2.71
CA VAL A 25 -1.18 -2.19 -2.00
C VAL A 25 -0.41 -2.23 -0.69
N LEU A 26 -0.67 -3.25 0.12
CA LEU A 26 0.01 -3.38 1.40
C LEU A 26 1.50 -3.61 1.20
N ILE A 27 1.85 -4.42 0.20
CA ILE A 27 3.24 -4.72 -0.09
C ILE A 27 3.97 -3.44 -0.53
N SER A 28 3.41 -2.76 -1.52
CA SER A 28 4.01 -1.53 -2.03
C SER A 28 4.17 -0.51 -0.90
N LEU A 29 3.15 -0.40 -0.06
CA LEU A 29 3.18 0.54 1.05
C LEU A 29 4.32 0.20 2.00
N LEU A 30 4.44 -1.07 2.34
CA LEU A 30 5.50 -1.51 3.25
C LEU A 30 6.87 -1.10 2.71
N LEU A 31 7.13 -1.44 1.46
CA LEU A 31 8.41 -1.10 0.84
C LEU A 31 8.66 0.40 0.92
N THR A 32 7.62 1.19 0.67
CA THR A 32 7.75 2.63 0.71
C THR A 32 8.06 3.10 2.13
N VAL A 33 7.35 2.56 3.10
CA VAL A 33 7.56 2.93 4.49
C VAL A 33 8.99 2.64 4.92
N LEU A 34 9.47 1.45 4.58
CA LEU A 34 10.83 1.06 4.94
C LEU A 34 11.85 2.01 4.33
N ALA A 35 11.73 2.26 3.03
CA ALA A 35 12.65 3.16 2.34
C ALA A 35 12.57 4.56 2.96
N LEU A 36 11.38 4.92 3.45
CA LEU A 36 11.20 6.22 4.07
C LEU A 36 11.91 6.30 5.41
N LEU A 37 11.64 5.33 6.28
CA LEU A 37 12.27 5.30 7.59
C LEU A 37 13.79 5.23 7.47
N SER A 38 14.26 4.49 6.47
CA SER A 38 15.70 4.35 6.24
C SER A 38 16.32 5.71 5.90
N HIS A 39 15.69 6.42 4.97
CA HIS A 39 16.19 7.72 4.56
C HIS A 39 16.29 8.66 5.77
N ARG A 40 15.28 8.62 6.62
CA ARG A 40 15.27 9.47 7.82
C ARG A 40 16.40 9.07 8.76
N ARG A 41 16.61 7.77 8.91
CA ARG A 41 17.67 7.26 9.79
C ARG A 41 19.03 7.72 9.29
N THR A 42 19.23 7.67 7.98
CA THR A 42 20.50 8.08 7.39
C THR A 42 20.77 9.55 7.67
N LEU A 43 19.72 10.37 7.52
CA LEU A 43 19.86 11.80 7.76
C LEU A 43 20.24 12.08 9.22
N GLN A 44 19.60 11.37 10.13
CA GLN A 44 19.87 11.54 11.55
C GLN A 44 21.33 11.20 11.86
N GLN A 45 21.80 10.10 11.29
CA GLN A 45 23.18 9.67 11.51
C GLN A 45 24.15 10.73 11.02
N LYS A 46 23.93 11.22 9.80
CA LYS A 46 24.80 12.24 9.23
C LYS A 46 25.02 13.38 10.23
N ILE A 47 23.93 13.85 10.83
CA ILE A 47 24.03 14.94 11.80
C ILE A 47 24.44 14.40 13.16
N TRP A 48 24.09 13.15 13.44
CA TRP A 48 24.43 12.53 14.70
C TRP A 48 25.06 11.16 14.49
N PRO A 49 26.29 11.13 14.04
CA PRO A 49 27.03 9.87 13.78
C PRO A 49 27.53 9.21 15.06
N MET A 1 -15.09 11.12 -0.07
CA MET A 1 -15.42 9.70 -0.37
C MET A 1 -14.19 8.82 -0.12
N SER A 2 -13.39 8.62 -1.16
CA SER A 2 -12.19 7.81 -1.04
C SER A 2 -12.56 6.35 -0.75
N GLU A 3 -13.85 6.07 -0.67
CA GLU A 3 -14.32 4.72 -0.40
C GLU A 3 -15.77 4.56 -0.85
N PRO A 4 -16.02 4.72 -2.13
CA PRO A 4 -17.39 4.59 -2.71
C PRO A 4 -17.84 3.13 -2.79
N ALA A 5 -19.04 2.85 -2.29
CA ALA A 5 -19.57 1.50 -2.31
C ALA A 5 -19.75 1.02 -3.75
N SER A 6 -19.58 1.92 -4.69
CA SER A 6 -19.73 1.58 -6.10
C SER A 6 -18.62 0.62 -6.54
N LEU A 7 -17.46 0.74 -5.89
CA LEU A 7 -16.34 -0.12 -6.23
C LEU A 7 -16.70 -1.59 -6.03
N LEU A 8 -17.18 -1.92 -4.84
CA LEU A 8 -17.57 -3.30 -4.55
C LEU A 8 -18.76 -3.71 -5.40
N THR A 9 -19.66 -2.75 -5.63
CA THR A 9 -20.85 -3.03 -6.42
C THR A 9 -20.47 -3.43 -7.84
N ALA A 10 -19.28 -3.01 -8.26
CA ALA A 10 -18.79 -3.33 -9.59
C ALA A 10 -17.79 -4.47 -9.55
N SER A 11 -17.22 -4.68 -8.38
CA SER A 11 -16.24 -5.74 -8.19
C SER A 11 -16.92 -7.05 -7.76
N ASP A 12 -18.22 -6.97 -7.56
CA ASP A 12 -18.98 -8.14 -7.14
C ASP A 12 -19.00 -9.20 -8.24
N LEU A 13 -18.32 -8.91 -9.33
CA LEU A 13 -18.26 -9.83 -10.47
C LEU A 13 -16.83 -10.30 -10.71
N ASP A 14 -15.93 -9.84 -9.86
CA ASP A 14 -14.52 -10.22 -9.98
C ASP A 14 -13.74 -9.79 -8.74
N PRO A 15 -13.79 -10.57 -7.69
CA PRO A 15 -13.07 -10.28 -6.43
C PRO A 15 -11.60 -10.67 -6.49
N LEU A 16 -11.23 -11.42 -7.53
CA LEU A 16 -9.86 -11.85 -7.69
C LEU A 16 -8.92 -10.67 -7.85
N ILE A 17 -9.45 -9.58 -8.42
CA ILE A 17 -8.66 -8.38 -8.63
C ILE A 17 -8.42 -7.67 -7.30
N LEU A 18 -9.43 -7.64 -6.46
CA LEU A 18 -9.31 -6.98 -5.17
C LEU A 18 -8.29 -7.70 -4.29
N THR A 19 -8.22 -9.02 -4.45
CA THR A 19 -7.27 -9.81 -3.67
C THR A 19 -5.84 -9.48 -4.08
N LEU A 20 -5.58 -9.52 -5.38
CA LEU A 20 -4.25 -9.21 -5.89
C LEU A 20 -3.86 -7.77 -5.59
N SER A 21 -4.85 -6.88 -5.68
CA SER A 21 -4.60 -5.46 -5.41
C SER A 21 -4.31 -5.24 -3.93
N LEU A 22 -5.14 -5.85 -3.07
CA LEU A 22 -4.95 -5.71 -1.64
C LEU A 22 -3.53 -6.05 -1.22
N ILE A 23 -2.99 -7.12 -1.80
CA ILE A 23 -1.64 -7.54 -1.48
C ILE A 23 -0.64 -6.47 -1.90
N LEU A 24 -0.73 -6.04 -3.15
CA LEU A 24 0.19 -5.02 -3.66
C LEU A 24 0.08 -3.75 -2.86
N VAL A 25 -1.13 -3.46 -2.40
CA VAL A 25 -1.37 -2.26 -1.61
C VAL A 25 -0.71 -2.38 -0.24
N LEU A 26 -1.03 -3.47 0.47
CA LEU A 26 -0.47 -3.69 1.79
C LEU A 26 1.05 -3.67 1.73
N ILE A 27 1.62 -4.34 0.74
CA ILE A 27 3.07 -4.38 0.58
C ILE A 27 3.59 -3.00 0.20
N SER A 28 3.03 -2.41 -0.83
CA SER A 28 3.45 -1.09 -1.27
C SER A 28 3.47 -0.11 -0.10
N LEU A 29 2.51 -0.28 0.81
CA LEU A 29 2.42 0.60 1.97
C LEU A 29 3.61 0.38 2.90
N LEU A 30 3.83 -0.87 3.30
CA LEU A 30 4.94 -1.18 4.18
C LEU A 30 6.25 -0.70 3.59
N LEU A 31 6.39 -0.86 2.28
CA LEU A 31 7.61 -0.44 1.60
C LEU A 31 7.87 1.04 1.83
N THR A 32 6.85 1.85 1.60
CA THR A 32 6.99 3.30 1.80
C THR A 32 7.39 3.60 3.23
N VAL A 33 6.79 2.88 4.17
CA VAL A 33 7.10 3.08 5.59
C VAL A 33 8.56 2.77 5.87
N LEU A 34 9.03 1.62 5.40
CA LEU A 34 10.41 1.23 5.60
C LEU A 34 11.36 2.19 4.92
N ALA A 35 11.10 2.45 3.63
CA ALA A 35 11.93 3.37 2.86
C ALA A 35 12.00 4.73 3.55
N LEU A 36 10.91 5.08 4.24
CA LEU A 36 10.85 6.36 4.94
C LEU A 36 11.78 6.36 6.14
N LEU A 37 11.74 5.30 6.92
CA LEU A 37 12.59 5.19 8.10
C LEU A 37 14.05 5.06 7.69
N SER A 38 14.30 4.26 6.66
CA SER A 38 15.66 4.06 6.17
C SER A 38 16.30 5.40 5.82
N HIS A 39 15.55 6.24 5.12
CA HIS A 39 16.06 7.55 4.72
C HIS A 39 16.24 8.45 5.95
N ARG A 40 15.26 8.44 6.83
CA ARG A 40 15.32 9.26 8.04
C ARG A 40 16.53 8.86 8.89
N ARG A 41 16.80 7.56 8.94
CA ARG A 41 17.93 7.06 9.72
C ARG A 41 19.25 7.52 9.12
N THR A 42 19.37 7.39 7.81
CA THR A 42 20.59 7.80 7.12
C THR A 42 20.87 9.28 7.37
N LEU A 43 19.83 10.09 7.33
CA LEU A 43 19.99 11.52 7.55
C LEU A 43 20.49 11.79 8.96
N GLN A 44 19.88 11.13 9.93
CA GLN A 44 20.27 11.31 11.32
C GLN A 44 21.74 10.96 11.50
N GLN A 45 22.18 9.89 10.85
CA GLN A 45 23.57 9.46 10.95
C GLN A 45 24.46 10.33 10.08
N LYS A 46 23.87 10.92 9.04
CA LYS A 46 24.62 11.79 8.14
C LYS A 46 25.01 13.08 8.84
N ILE A 47 24.11 13.60 9.66
CA ILE A 47 24.38 14.84 10.39
C ILE A 47 25.24 14.55 11.60
N TRP A 48 24.77 13.67 12.48
CA TRP A 48 25.52 13.33 13.69
C TRP A 48 26.08 11.91 13.58
N PRO A 49 27.19 11.64 14.22
CA PRO A 49 27.83 10.30 14.21
C PRO A 49 26.80 9.17 14.27
N MET A 1 -8.69 11.29 -20.20
CA MET A 1 -7.64 10.58 -20.96
C MET A 1 -8.15 9.20 -21.38
N SER A 2 -7.29 8.19 -21.27
CA SER A 2 -7.67 6.83 -21.63
C SER A 2 -7.09 5.84 -20.62
N GLU A 3 -6.85 6.31 -19.40
CA GLU A 3 -6.31 5.45 -18.36
C GLU A 3 -7.00 5.73 -17.03
N PRO A 4 -8.29 5.63 -17.00
CA PRO A 4 -9.09 5.87 -15.77
C PRO A 4 -8.87 4.79 -14.71
N ALA A 5 -8.60 5.22 -13.48
CA ALA A 5 -8.36 4.27 -12.39
C ALA A 5 -9.60 3.42 -12.13
N SER A 6 -10.68 3.73 -12.84
CA SER A 6 -11.93 2.99 -12.68
C SER A 6 -11.80 1.60 -13.30
N LEU A 7 -10.98 1.49 -14.34
CA LEU A 7 -10.77 0.22 -15.01
C LEU A 7 -10.45 -0.87 -14.00
N LEU A 8 -9.50 -0.59 -13.11
CA LEU A 8 -9.11 -1.55 -12.09
C LEU A 8 -10.16 -1.64 -10.99
N THR A 9 -10.63 -0.47 -10.54
CA THR A 9 -11.63 -0.42 -9.49
C THR A 9 -12.87 -1.19 -9.90
N ALA A 10 -13.00 -1.46 -11.20
CA ALA A 10 -14.16 -2.20 -11.70
C ALA A 10 -13.84 -3.69 -11.78
N SER A 11 -12.68 -4.01 -12.35
CA SER A 11 -12.27 -5.40 -12.49
C SER A 11 -12.12 -6.06 -11.11
N ASP A 12 -12.12 -5.23 -10.07
CA ASP A 12 -12.01 -5.76 -8.71
C ASP A 12 -13.22 -6.60 -8.35
N LEU A 13 -14.14 -6.72 -9.29
CA LEU A 13 -15.36 -7.51 -9.06
C LEU A 13 -14.99 -8.97 -8.77
N ASP A 14 -13.85 -9.40 -9.29
CA ASP A 14 -13.40 -10.77 -9.08
C ASP A 14 -12.54 -10.87 -7.82
N PRO A 15 -12.53 -12.01 -7.20
CA PRO A 15 -11.73 -12.25 -5.96
C PRO A 15 -10.23 -12.21 -6.22
N LEU A 16 -9.82 -12.82 -7.33
CA LEU A 16 -8.40 -12.85 -7.68
C LEU A 16 -7.85 -11.43 -7.77
N ILE A 17 -8.56 -10.56 -8.48
CA ILE A 17 -8.13 -9.18 -8.62
C ILE A 17 -8.07 -8.47 -7.27
N LEU A 18 -9.07 -8.73 -6.44
CA LEU A 18 -9.12 -8.12 -5.11
C LEU A 18 -7.90 -8.52 -4.29
N THR A 19 -7.53 -9.79 -4.38
CA THR A 19 -6.38 -10.29 -3.64
C THR A 19 -5.10 -9.60 -4.11
N LEU A 20 -4.93 -9.51 -5.42
CA LEU A 20 -3.75 -8.86 -5.99
C LEU A 20 -3.73 -7.38 -5.63
N SER A 21 -4.89 -6.74 -5.69
CA SER A 21 -4.99 -5.32 -5.36
C SER A 21 -4.64 -5.08 -3.90
N LEU A 22 -5.32 -5.80 -3.01
CA LEU A 22 -5.07 -5.65 -1.58
C LEU A 22 -3.61 -5.93 -1.26
N ILE A 23 -3.03 -6.88 -1.99
CA ILE A 23 -1.63 -7.24 -1.77
C ILE A 23 -0.71 -6.05 -2.07
N LEU A 24 -0.76 -5.59 -3.31
CA LEU A 24 0.09 -4.47 -3.74
C LEU A 24 -0.21 -3.24 -2.90
N VAL A 25 -1.44 -3.13 -2.43
CA VAL A 25 -1.85 -1.99 -1.61
C VAL A 25 -1.17 -2.04 -0.24
N LEU A 26 -1.27 -3.18 0.41
CA LEU A 26 -0.66 -3.35 1.73
C LEU A 26 0.86 -3.31 1.63
N ILE A 27 1.39 -3.88 0.55
CA ILE A 27 2.83 -3.90 0.34
C ILE A 27 3.36 -2.50 0.04
N SER A 28 2.74 -1.84 -0.93
CA SER A 28 3.14 -0.48 -1.29
C SER A 28 3.13 0.43 -0.08
N LEU A 29 2.09 0.31 0.74
CA LEU A 29 1.98 1.14 1.94
C LEU A 29 3.14 0.87 2.89
N LEU A 30 3.40 -0.41 3.14
CA LEU A 30 4.50 -0.80 4.03
C LEU A 30 5.83 -0.31 3.49
N LEU A 31 6.06 -0.52 2.20
CA LEU A 31 7.30 -0.09 1.56
C LEU A 31 7.53 1.40 1.81
N THR A 32 6.48 2.19 1.64
CA THR A 32 6.59 3.63 1.84
C THR A 32 7.07 3.94 3.26
N VAL A 33 6.40 3.34 4.25
CA VAL A 33 6.77 3.56 5.65
C VAL A 33 8.22 3.16 5.88
N LEU A 34 8.61 2.02 5.32
CA LEU A 34 9.98 1.54 5.49
C LEU A 34 10.97 2.53 4.88
N ALA A 35 10.75 2.89 3.62
CA ALA A 35 11.62 3.83 2.94
C ALA A 35 11.73 5.14 3.73
N LEU A 36 10.63 5.51 4.40
CA LEU A 36 10.62 6.73 5.19
C LEU A 36 11.50 6.60 6.42
N LEU A 37 11.28 5.53 7.18
CA LEU A 37 12.06 5.29 8.38
C LEU A 37 13.54 5.11 8.04
N SER A 38 13.81 4.44 6.93
CA SER A 38 15.18 4.21 6.50
C SER A 38 15.87 5.54 6.18
N HIS A 39 15.17 6.41 5.47
CA HIS A 39 15.72 7.71 5.11
C HIS A 39 16.07 8.51 6.37
N ARG A 40 15.21 8.39 7.39
CA ARG A 40 15.42 9.11 8.64
C ARG A 40 16.67 8.59 9.35
N ARG A 41 16.81 7.27 9.39
CA ARG A 41 17.96 6.66 10.04
C ARG A 41 19.26 7.08 9.35
N THR A 42 19.21 7.14 8.03
CA THR A 42 20.38 7.52 7.25
C THR A 42 20.72 8.99 7.49
N LEU A 43 19.70 9.84 7.49
CA LEU A 43 19.90 11.27 7.71
C LEU A 43 20.65 11.51 9.01
N GLN A 44 20.26 10.78 10.05
CA GLN A 44 20.91 10.93 11.36
C GLN A 44 22.38 10.53 11.27
N GLN A 45 22.64 9.40 10.62
CA GLN A 45 24.01 8.91 10.47
C GLN A 45 24.80 9.82 9.53
N LYS A 46 24.09 10.56 8.69
CA LYS A 46 24.74 11.46 7.74
C LYS A 46 25.26 12.71 8.46
N ILE A 47 24.43 13.25 9.36
CA ILE A 47 24.82 14.44 10.11
C ILE A 47 25.91 14.11 11.12
N TRP A 48 25.58 13.24 12.07
CA TRP A 48 26.55 12.84 13.10
C TRP A 48 27.02 11.40 12.85
N PRO A 49 28.21 11.09 13.27
CA PRO A 49 28.80 9.74 13.11
C PRO A 49 28.07 8.68 13.93
N MET A 1 -24.95 7.82 3.88
CA MET A 1 -23.90 7.18 4.72
C MET A 1 -22.55 7.25 3.99
N SER A 2 -21.50 7.54 4.74
CA SER A 2 -20.17 7.64 4.15
C SER A 2 -19.50 6.26 4.09
N GLU A 3 -20.19 5.26 4.62
CA GLU A 3 -19.66 3.90 4.63
C GLU A 3 -20.74 2.90 4.22
N PRO A 4 -21.28 3.05 3.05
CA PRO A 4 -22.35 2.15 2.53
C PRO A 4 -21.80 0.78 2.12
N ALA A 5 -22.46 -0.27 2.59
CA ALA A 5 -22.03 -1.63 2.27
C ALA A 5 -22.14 -1.90 0.77
N SER A 6 -22.68 -0.92 0.05
CA SER A 6 -22.85 -1.07 -1.40
C SER A 6 -21.51 -0.90 -2.10
N LEU A 7 -20.63 -0.08 -1.51
CA LEU A 7 -19.32 0.16 -2.11
C LEU A 7 -18.62 -1.16 -2.40
N LEU A 8 -18.71 -2.10 -1.46
CA LEU A 8 -18.08 -3.39 -1.64
C LEU A 8 -18.95 -4.31 -2.50
N THR A 9 -20.22 -4.42 -2.13
CA THR A 9 -21.16 -5.26 -2.86
C THR A 9 -21.18 -4.88 -4.34
N ALA A 10 -20.54 -3.75 -4.65
CA ALA A 10 -20.50 -3.28 -6.03
C ALA A 10 -19.18 -3.66 -6.69
N SER A 11 -18.10 -3.17 -6.10
CA SER A 11 -16.77 -3.46 -6.64
C SER A 11 -16.49 -4.97 -6.62
N ASP A 12 -17.43 -5.71 -6.05
CA ASP A 12 -17.29 -7.16 -5.97
C ASP A 12 -17.18 -7.78 -7.36
N LEU A 13 -17.52 -6.99 -8.37
CA LEU A 13 -17.47 -7.47 -9.75
C LEU A 13 -16.08 -8.01 -10.09
N ASP A 14 -15.06 -7.48 -9.42
CA ASP A 14 -13.69 -7.93 -9.65
C ASP A 14 -13.03 -8.34 -8.34
N PRO A 15 -13.27 -9.55 -7.90
CA PRO A 15 -12.69 -10.07 -6.63
C PRO A 15 -11.24 -10.54 -6.81
N LEU A 16 -10.99 -11.28 -7.87
CA LEU A 16 -9.66 -11.78 -8.15
C LEU A 16 -8.67 -10.62 -8.21
N ILE A 17 -9.06 -9.54 -8.88
CA ILE A 17 -8.21 -8.38 -9.00
C ILE A 17 -8.08 -7.68 -7.66
N LEU A 18 -9.18 -7.62 -6.92
CA LEU A 18 -9.18 -6.96 -5.62
C LEU A 18 -8.23 -7.67 -4.66
N THR A 19 -8.18 -9.00 -4.75
CA THR A 19 -7.30 -9.79 -3.88
C THR A 19 -5.85 -9.48 -4.20
N LEU A 20 -5.50 -9.49 -5.48
CA LEU A 20 -4.14 -9.21 -5.90
C LEU A 20 -3.78 -7.75 -5.59
N SER A 21 -4.75 -6.86 -5.80
CA SER A 21 -4.53 -5.44 -5.54
C SER A 21 -4.25 -5.21 -4.06
N LEU A 22 -5.11 -5.76 -3.20
CA LEU A 22 -4.95 -5.60 -1.78
C LEU A 22 -3.55 -6.04 -1.33
N ILE A 23 -3.07 -7.12 -1.94
CA ILE A 23 -1.75 -7.64 -1.61
C ILE A 23 -0.67 -6.59 -1.88
N LEU A 24 -0.59 -6.16 -3.14
CA LEU A 24 0.40 -5.16 -3.52
C LEU A 24 0.20 -3.87 -2.73
N VAL A 25 -1.04 -3.59 -2.38
CA VAL A 25 -1.36 -2.38 -1.63
C VAL A 25 -0.77 -2.45 -0.22
N LEU A 26 -1.07 -3.54 0.48
CA LEU A 26 -0.57 -3.72 1.84
C LEU A 26 0.96 -3.75 1.84
N ILE A 27 1.54 -4.46 0.88
CA ILE A 27 2.99 -4.57 0.79
C ILE A 27 3.58 -3.20 0.46
N SER A 28 3.03 -2.54 -0.54
CA SER A 28 3.52 -1.23 -0.95
C SER A 28 3.46 -0.25 0.22
N LEU A 29 2.38 -0.33 0.99
CA LEU A 29 2.20 0.55 2.15
C LEU A 29 3.33 0.33 3.14
N LEU A 30 3.69 -0.93 3.38
CA LEU A 30 4.74 -1.25 4.31
C LEU A 30 6.07 -0.71 3.82
N LEU A 31 6.37 -0.92 2.55
CA LEU A 31 7.62 -0.45 1.98
C LEU A 31 7.75 1.05 2.17
N THR A 32 6.64 1.76 2.02
CA THR A 32 6.64 3.21 2.18
C THR A 32 7.12 3.59 3.58
N VAL A 33 6.50 3.00 4.59
CA VAL A 33 6.87 3.29 5.97
C VAL A 33 8.34 2.94 6.20
N LEU A 34 8.74 1.75 5.76
CA LEU A 34 10.13 1.32 5.94
C LEU A 34 11.09 2.30 5.27
N ALA A 35 10.85 2.59 4.00
CA ALA A 35 11.69 3.51 3.27
C ALA A 35 11.76 4.85 3.99
N LEU A 36 10.66 5.20 4.65
CA LEU A 36 10.61 6.48 5.38
C LEU A 36 11.60 6.48 6.55
N LEU A 37 11.50 5.46 7.39
CA LEU A 37 12.40 5.35 8.53
C LEU A 37 13.84 5.17 8.07
N SER A 38 14.01 4.45 6.96
CA SER A 38 15.34 4.21 6.41
C SER A 38 16.00 5.53 6.01
N HIS A 39 15.26 6.35 5.28
CA HIS A 39 15.79 7.64 4.83
C HIS A 39 16.09 8.53 6.03
N ARG A 40 15.24 8.46 7.05
CA ARG A 40 15.43 9.27 8.25
C ARG A 40 16.72 8.88 8.95
N ARG A 41 16.96 7.57 9.07
CA ARG A 41 18.17 7.07 9.72
C ARG A 41 19.40 7.46 8.91
N THR A 42 19.25 7.47 7.59
CA THR A 42 20.36 7.83 6.70
C THR A 42 20.76 9.28 6.94
N LEU A 43 19.77 10.17 6.96
CA LEU A 43 20.03 11.59 7.17
C LEU A 43 20.66 11.82 8.54
N GLN A 44 20.16 11.10 9.54
CA GLN A 44 20.69 11.23 10.90
C GLN A 44 22.18 10.91 10.93
N GLN A 45 22.55 9.80 10.31
CA GLN A 45 23.95 9.39 10.28
C GLN A 45 24.83 10.51 9.73
N LYS A 46 24.44 11.05 8.59
CA LYS A 46 25.21 12.13 7.96
C LYS A 46 25.27 13.34 8.87
N ILE A 47 24.16 13.62 9.55
CA ILE A 47 24.10 14.76 10.46
C ILE A 47 24.75 14.40 11.80
N TRP A 48 25.05 13.13 11.99
CA TRP A 48 25.67 12.66 13.22
C TRP A 48 26.72 11.59 12.94
N PRO A 49 27.78 11.96 12.28
CA PRO A 49 28.88 11.02 11.93
C PRO A 49 29.76 10.68 13.12
#